data_3DX4
#
_entry.id   3DX4
#
_cell.length_a   68.769
_cell.length_b   109.703
_cell.length_c   138.306
_cell.angle_alpha   90.00
_cell.angle_beta   90.00
_cell.angle_gamma   90.00
#
_symmetry.space_group_name_H-M   'P 21 21 21'
#
loop_
_entity.id
_entity.type
_entity.pdbx_description
1 polymer 'Alpha-mannosidase 2'
2 non-polymer 2-acetamido-2-deoxy-beta-D-glucopyranose
3 non-polymer 'ZINC ION'
4 non-polymer (4R)-2-METHYLPENTANE-2,4-DIOL
5 non-polymer (1R,2R,3R,4S,5R)-4-amino-5-methoxycyclopentane-1,2,3-triol
6 water water
#
_entity_poly.entity_id   1
_entity_poly.type   'polypeptide(L)'
_entity_poly.pdbx_seq_one_letter_code
;RSSHHHHHHGEFDDPIRPPLKVARSPRPGQCQDVVQDVPNVDVQMLELYDRMSFKDIDGGVWKQGWNIKYDPLKYNAHHK
LKVFVVPHSHNDPGWIQTFEEYYQHDTKHILSNALRHLHDNPEMKFIWAEISYFARFYHDLGENKKLQMKSIVKNGQLEF
VTGGWVMPDEANSHWRNVLLQLTEGQTWLKQFMNVTPTASWAIDPFGHSPTMPYILQKSGFKNMLIQRTHYSVKKELAQQ
RQLEFLWRQIWDNKGDTALFTHMMPFYSYDIPHTCGPDPKVCCQFDFKRMGSFGLSCPWKVPPRTISDQNVAARSDLLVD
QWKKKAELYRTNVLLIPLGDDFRFKQNTEWDVQRVNYERLFEHINSQAHFNVQAQFGTLQEYFDAVHQAERAGQAEFPTL
SGDFFTYADRSDNYWSGYYTSRPYHKRMDRVLMHYVRAAEMLSAWHSWDGMARIEERLEQARRELSLFQHHDGITGTAKT
HVVVDYEQRMQEALKACQMVMQQSVYRLLTKPSIYSPDFSFSYFTLDDSRWPGSGVEDSRTTIILGEDILPSKHVVMHNT
LPHWREQLVDFYVSSPFVSVTDLANNPVEAQVSPVWSWHHDTLTKTIHPQGSTTKYRIIFKARVPPMGLATYVLTISDSK
PEHTSYASNLLLRKNPTSLPLGQYPEDVKFGDPREISLRVGNGPTLAFSEQGLLKSIQLTQDSPHVPVHFKFLKYGVRSH
GDRSGAYLFLPNGPASPVELGQPVVLVTKGKLESSVSVGLPSVVHQTIMRGGAPEIRNLVDIGSLDNTEIVMRLETHIDS
GDIFYTDLNGLQFIKRRRLDKLPLQANYYPIPSGMFIEDANTRLTLLTGQPLGGSSLASGELEIMQDRRLASDDERGLGQ
GVLDNKPVLHIYRLVLEKVNNCVRPSKLHPAGYLTSAAHKASQSLLDPLDKFIFAENEWIGAQGQFGGDHPSAREDLDVS
VMRRLTKSSAKTQRVGYVLHRTNLMQCGTPEEHTQKLDVCHLLPNVARCERTTLTFLQNLEHLDGMVAPEVCPMETAAYV
SSHSS
;
_entity_poly.pdbx_strand_id   A
#
loop_
_chem_comp.id
_chem_comp.type
_chem_comp.name
_chem_comp.formula
GOO non-polymer (1R,2R,3R,4S,5R)-4-amino-5-methoxycyclopentane-1,2,3-triol 'C6 H13 N O4'
MRD non-polymer (4R)-2-METHYLPENTANE-2,4-DIOL 'C6 H14 O2'
NAG D-saccharide, beta linking 2-acetamido-2-deoxy-beta-D-glucopyranose 'C8 H15 N O6'
ZN non-polymer 'ZINC ION' 'Zn 2'
#
# COMPACT_ATOMS: atom_id res chain seq x y z
N GLN A 30 25.27 7.37 17.31
CA GLN A 30 25.51 6.39 16.22
C GLN A 30 24.45 6.58 15.14
N CYS A 31 23.19 6.36 15.51
CA CYS A 31 22.04 6.59 14.62
C CYS A 31 22.01 8.03 14.17
N GLN A 32 21.69 8.25 12.89
CA GLN A 32 21.41 9.57 12.32
C GLN A 32 20.21 10.19 13.03
N ASP A 33 20.27 11.49 13.22
CA ASP A 33 19.17 12.26 13.77
C ASP A 33 18.24 12.55 12.62
N VAL A 34 17.03 11.99 12.66
CA VAL A 34 16.09 12.18 11.53
C VAL A 34 15.19 13.40 11.67
N VAL A 35 15.39 14.18 12.76
CA VAL A 35 14.56 15.34 13.02
C VAL A 35 15.24 16.70 12.82
N GLN A 36 16.48 16.79 13.32
CA GLN A 36 17.11 18.10 13.57
C GLN A 36 18.11 18.54 12.51
N ASP A 37 18.45 17.64 11.60
CA ASP A 37 19.45 17.92 10.54
C ASP A 37 18.77 17.94 9.15
N VAL A 38 18.53 19.12 8.61
CA VAL A 38 17.93 19.22 7.26
C VAL A 38 18.94 18.77 6.21
N PRO A 39 18.63 17.69 5.47
CA PRO A 39 19.59 17.27 4.44
C PRO A 39 19.87 18.33 3.39
N ASN A 40 21.14 18.37 2.95
CA ASN A 40 21.48 19.22 1.86
C ASN A 40 21.49 18.39 0.58
N VAL A 41 20.51 18.66 -0.28
CA VAL A 41 20.38 17.92 -1.56
C VAL A 41 20.32 18.89 -2.70
N ASP A 42 20.74 18.46 -3.89
CA ASP A 42 20.64 19.35 -5.04
C ASP A 42 19.22 19.65 -5.49
N VAL A 43 18.34 18.64 -5.36
CA VAL A 43 16.95 18.79 -5.76
C VAL A 43 16.12 18.28 -4.59
N GLN A 44 15.28 19.15 -4.04
CA GLN A 44 14.37 18.75 -2.97
C GLN A 44 13.00 19.03 -3.56
N MET A 45 12.17 17.99 -3.73
CA MET A 45 10.99 18.18 -4.57
C MET A 45 9.96 19.20 -4.06
N LEU A 46 9.85 19.35 -2.75
CA LEU A 46 8.92 20.35 -2.22
C LEU A 46 9.42 21.76 -2.59
N GLU A 47 10.74 21.95 -2.51
CA GLU A 47 11.33 23.26 -2.84
C GLU A 47 11.17 23.48 -4.34
N LEU A 48 11.42 22.45 -5.12
CA LEU A 48 11.27 22.56 -6.55
C LEU A 48 9.83 22.94 -6.92
N TYR A 49 8.86 22.25 -6.30
CA TYR A 49 7.44 22.57 -6.54
C TYR A 49 7.12 24.04 -6.21
N ASP A 50 7.71 24.57 -5.15
CA ASP A 50 7.39 25.96 -4.74
C ASP A 50 7.87 26.95 -5.81
N ARG A 51 8.99 26.61 -6.45
CA ARG A 51 9.67 27.52 -7.41
C ARG A 51 9.14 27.32 -8.85
N MET A 52 8.75 26.10 -9.24
CA MET A 52 8.30 25.86 -10.61
C MET A 52 6.99 26.55 -10.97
N SER A 53 6.84 26.95 -12.25
CA SER A 53 5.64 27.64 -12.71
C SER A 53 4.57 26.73 -13.31
N PHE A 54 4.97 25.55 -13.74
CA PHE A 54 4.06 24.53 -14.25
C PHE A 54 3.30 24.98 -15.49
N LYS A 55 3.87 25.90 -16.27
CA LYS A 55 3.18 26.30 -17.50
C LYS A 55 3.18 25.22 -18.53
N ASP A 56 2.04 25.02 -19.17
CA ASP A 56 1.83 23.96 -20.10
C ASP A 56 1.90 24.52 -21.52
N ILE A 57 3.11 24.78 -21.96
CA ILE A 57 3.27 25.36 -23.29
C ILE A 57 3.67 24.33 -24.34
N ASP A 58 3.28 24.62 -25.57
CA ASP A 58 3.56 23.75 -26.69
C ASP A 58 5.04 23.85 -27.01
N GLY A 59 5.78 22.78 -26.71
CA GLY A 59 7.22 22.79 -26.90
C GLY A 59 7.67 22.40 -28.30
N GLY A 60 6.72 22.16 -29.20
CA GLY A 60 7.05 21.66 -30.54
C GLY A 60 6.78 20.15 -30.67
N VAL A 61 7.63 19.47 -31.43
CA VAL A 61 7.46 18.01 -31.60
C VAL A 61 7.56 17.31 -30.23
N TRP A 62 8.45 17.80 -29.38
CA TRP A 62 8.43 17.37 -27.97
C TRP A 62 7.43 18.28 -27.30
N LYS A 63 6.18 17.81 -27.21
CA LYS A 63 5.08 18.74 -26.87
C LYS A 63 5.23 19.37 -25.52
N GLN A 64 5.85 18.65 -24.59
CA GLN A 64 6.00 19.17 -23.25
C GLN A 64 7.42 19.55 -22.89
N GLY A 65 8.25 19.69 -23.93
CA GLY A 65 9.66 20.07 -23.72
C GLY A 65 10.05 21.31 -24.51
N TRP A 66 11.10 21.16 -25.29
CA TRP A 66 11.60 22.24 -26.16
C TRP A 66 12.28 21.58 -27.33
N ASN A 67 12.70 22.37 -28.33
CA ASN A 67 13.43 21.84 -29.48
C ASN A 67 14.89 21.60 -29.08
N ILE A 68 15.26 20.35 -28.88
CA ILE A 68 16.58 20.03 -28.37
C ILE A 68 17.62 20.28 -29.47
N LYS A 69 18.71 20.95 -29.08
CA LYS A 69 19.84 21.18 -29.99
C LYS A 69 21.04 20.46 -29.45
N TYR A 70 21.91 19.98 -30.33
CA TYR A 70 23.17 19.41 -29.87
C TYR A 70 24.29 19.87 -30.78
N ASP A 71 25.51 19.86 -30.24
CA ASP A 71 26.72 20.10 -31.02
C ASP A 71 27.14 18.81 -31.71
N PRO A 72 27.07 18.77 -33.06
CA PRO A 72 27.44 17.51 -33.71
C PRO A 72 28.86 17.08 -33.38
N LEU A 73 29.70 18.03 -32.98
CA LEU A 73 31.08 17.74 -32.62
C LEU A 73 31.28 17.18 -31.21
N LYS A 74 30.20 17.02 -30.44
CA LYS A 74 30.36 16.47 -29.09
C LYS A 74 30.90 15.05 -29.09
N TYR A 75 30.43 14.26 -30.05
CA TYR A 75 30.88 12.88 -30.18
C TYR A 75 31.88 12.80 -31.34
N ASN A 76 32.94 12.01 -31.14
CA ASN A 76 34.03 11.87 -32.11
C ASN A 76 34.68 10.50 -31.94
N ALA A 77 35.70 10.21 -32.73
CA ALA A 77 36.39 8.92 -32.68
C ALA A 77 36.77 8.48 -31.26
N HIS A 78 37.14 9.45 -30.43
CA HIS A 78 37.65 9.13 -29.09
C HIS A 78 36.59 9.27 -28.00
N HIS A 79 35.38 9.66 -28.41
CA HIS A 79 34.26 9.82 -27.49
C HIS A 79 32.95 9.54 -28.21
N LYS A 80 32.60 8.26 -28.28
CA LYS A 80 31.43 7.80 -29.01
C LYS A 80 30.21 7.77 -28.08
N LEU A 81 29.05 7.90 -28.68
CA LEU A 81 27.77 7.67 -27.97
C LEU A 81 27.48 6.18 -27.98
N LYS A 82 27.41 5.57 -26.81
CA LYS A 82 27.08 4.14 -26.71
C LYS A 82 25.61 4.06 -26.47
N VAL A 83 24.90 3.35 -27.35
CA VAL A 83 23.43 3.27 -27.32
C VAL A 83 23.00 1.84 -27.00
N PHE A 84 22.17 1.69 -25.96
CA PHE A 84 21.63 0.37 -25.58
C PHE A 84 20.14 0.37 -25.88
N VAL A 85 19.74 -0.44 -26.85
CA VAL A 85 18.35 -0.60 -27.19
C VAL A 85 17.87 -1.82 -26.40
N VAL A 86 16.90 -1.59 -25.51
CA VAL A 86 16.51 -2.61 -24.52
C VAL A 86 15.08 -3.09 -24.80
N PRO A 87 14.94 -4.24 -25.48
CA PRO A 87 13.59 -4.74 -25.78
C PRO A 87 12.85 -5.15 -24.49
N HIS A 88 11.56 -4.83 -24.49
CA HIS A 88 10.73 -5.11 -23.28
C HIS A 88 9.29 -5.28 -23.67
N SER A 89 8.51 -5.83 -22.74
CA SER A 89 7.11 -6.07 -22.97
C SER A 89 6.41 -5.87 -21.63
N HIS A 90 5.55 -4.87 -21.58
CA HIS A 90 4.86 -4.56 -20.34
C HIS A 90 3.63 -5.46 -20.18
N ASN A 91 3.64 -6.34 -19.17
CA ASN A 91 2.59 -7.32 -18.99
C ASN A 91 1.85 -7.12 -17.67
N ASP A 92 0.67 -6.56 -17.75
CA ASP A 92 -0.14 -6.31 -16.57
C ASP A 92 -0.76 -7.58 -16.02
N PRO A 93 -0.51 -7.90 -14.74
CA PRO A 93 -1.23 -9.00 -14.06
C PRO A 93 -2.68 -8.65 -13.71
N GLY A 94 -3.45 -8.41 -14.77
CA GLY A 94 -4.82 -7.96 -14.69
C GLY A 94 -4.91 -6.48 -15.04
N TRP A 95 -5.90 -6.13 -15.87
CA TRP A 95 -6.23 -4.75 -16.18
C TRP A 95 -7.55 -4.77 -16.95
N ILE A 96 -7.47 -4.97 -18.25
CA ILE A 96 -8.68 -5.12 -19.10
C ILE A 96 -9.11 -6.57 -19.16
N GLN A 97 -8.19 -7.47 -18.89
CA GLN A 97 -8.47 -8.90 -18.74
CA GLN A 97 -8.43 -8.90 -18.76
C GLN A 97 -7.94 -9.35 -17.39
N THR A 98 -8.33 -10.54 -16.92
CA THR A 98 -7.77 -11.04 -15.67
C THR A 98 -6.35 -11.54 -15.95
N PHE A 99 -5.63 -11.77 -14.85
CA PHE A 99 -4.34 -12.43 -14.92
C PHE A 99 -4.38 -13.68 -15.83
N GLU A 100 -5.33 -14.56 -15.56
CA GLU A 100 -5.37 -15.82 -16.30
C GLU A 100 -5.74 -15.62 -17.76
N GLU A 101 -6.63 -14.67 -18.02
CA GLU A 101 -7.01 -14.39 -19.41
C GLU A 101 -5.83 -13.84 -20.18
N TYR A 102 -5.13 -12.87 -19.60
CA TYR A 102 -3.94 -12.35 -20.29
C TYR A 102 -2.88 -13.45 -20.45
N TYR A 103 -2.73 -14.29 -19.45
CA TYR A 103 -1.73 -15.33 -19.53
C TYR A 103 -2.03 -16.23 -20.72
N GLN A 104 -3.29 -16.64 -20.84
CA GLN A 104 -3.67 -17.56 -21.91
C GLN A 104 -3.61 -16.90 -23.27
N HIS A 105 -4.05 -15.64 -23.37
CA HIS A 105 -4.19 -14.98 -24.69
C HIS A 105 -2.91 -14.32 -25.14
N ASP A 106 -2.07 -13.89 -24.21
CA ASP A 106 -0.94 -13.06 -24.57
C ASP A 106 0.36 -13.51 -23.96
N THR A 107 0.45 -13.52 -22.62
CA THR A 107 1.75 -13.60 -21.97
C THR A 107 2.42 -14.97 -22.19
N LYS A 108 1.65 -16.04 -22.23
CA LYS A 108 2.31 -17.33 -22.45
C LYS A 108 2.97 -17.39 -23.83
N HIS A 109 2.36 -16.71 -24.80
CA HIS A 109 2.93 -16.65 -26.16
C HIS A 109 4.13 -15.74 -26.21
N ILE A 110 4.07 -14.61 -25.51
CA ILE A 110 5.23 -13.72 -25.44
C ILE A 110 6.43 -14.44 -24.86
N LEU A 111 6.23 -15.14 -23.74
CA LEU A 111 7.35 -15.84 -23.12
C LEU A 111 7.83 -17.03 -23.93
N SER A 112 6.89 -17.77 -24.51
CA SER A 112 7.29 -18.90 -25.38
C SER A 112 8.11 -18.38 -26.57
N ASN A 113 7.65 -17.30 -27.17
CA ASN A 113 8.39 -16.76 -28.32
C ASN A 113 9.66 -16.06 -27.92
N ALA A 114 9.73 -15.49 -26.70
CA ALA A 114 10.99 -14.92 -26.25
C ALA A 114 12.01 -16.03 -26.07
N LEU A 115 11.59 -17.17 -25.53
CA LEU A 115 12.51 -18.26 -25.32
C LEU A 115 13.09 -18.75 -26.66
N ARG A 116 12.21 -18.95 -27.62
CA ARG A 116 12.65 -19.43 -28.93
C ARG A 116 13.54 -18.39 -29.61
N HIS A 117 13.09 -17.16 -29.65
CA HIS A 117 13.85 -16.16 -30.40
CA HIS A 117 13.84 -16.14 -30.40
C HIS A 117 15.17 -15.81 -29.76
N LEU A 118 15.23 -15.71 -28.45
CA LEU A 118 16.50 -15.45 -27.79
C LEU A 118 17.43 -16.67 -27.95
N HIS A 119 16.89 -17.86 -27.81
CA HIS A 119 17.71 -19.06 -28.03
C HIS A 119 18.38 -18.99 -29.41
N ASP A 120 17.59 -18.68 -30.42
CA ASP A 120 18.09 -18.73 -31.81
C ASP A 120 18.91 -17.52 -32.24
N ASN A 121 18.87 -16.41 -31.51
CA ASN A 121 19.52 -15.18 -31.89
C ASN A 121 20.35 -14.66 -30.75
N PRO A 122 21.58 -15.15 -30.61
CA PRO A 122 22.36 -14.92 -29.40
C PRO A 122 22.64 -13.47 -29.01
N GLU A 123 22.56 -12.53 -29.95
CA GLU A 123 22.77 -11.10 -29.63
C GLU A 123 21.49 -10.36 -29.24
N MET A 124 20.33 -10.99 -29.44
CA MET A 124 19.07 -10.37 -29.07
C MET A 124 18.95 -10.41 -27.52
N LYS A 125 18.30 -9.40 -26.96
CA LYS A 125 18.15 -9.26 -25.50
C LYS A 125 16.69 -8.93 -25.18
N PHE A 126 16.31 -9.11 -23.90
CA PHE A 126 14.93 -8.87 -23.47
C PHE A 126 14.98 -8.74 -21.95
N ILE A 127 14.17 -7.83 -21.44
CA ILE A 127 14.03 -7.72 -19.98
C ILE A 127 12.63 -8.10 -19.57
N TRP A 128 12.54 -8.63 -18.35
CA TRP A 128 11.24 -9.11 -17.85
C TRP A 128 11.07 -8.67 -16.40
N ALA A 129 9.89 -8.12 -16.11
CA ALA A 129 9.60 -7.58 -14.79
C ALA A 129 8.69 -8.40 -13.89
N GLU A 130 7.59 -8.95 -14.44
CA GLU A 130 6.49 -9.46 -13.60
C GLU A 130 6.66 -10.94 -13.34
N ILE A 131 7.10 -11.30 -12.14
CA ILE A 131 7.44 -12.69 -11.85
C ILE A 131 6.18 -13.53 -11.64
N SER A 132 5.06 -12.93 -11.28
CA SER A 132 3.81 -13.72 -11.21
C SER A 132 3.57 -14.46 -12.53
N TYR A 133 3.74 -13.75 -13.63
CA TYR A 133 3.60 -14.39 -14.95
C TYR A 133 4.73 -15.34 -15.22
N PHE A 134 5.95 -14.93 -14.95
CA PHE A 134 7.07 -15.77 -15.31
C PHE A 134 7.01 -17.12 -14.58
N ALA A 135 6.68 -17.09 -13.29
CA ALA A 135 6.57 -18.33 -12.49
C ALA A 135 5.47 -19.22 -13.06
N ARG A 136 4.35 -18.65 -13.46
CA ARG A 136 3.24 -19.43 -14.03
C ARG A 136 3.78 -20.12 -15.30
N PHE A 137 4.44 -19.35 -16.17
CA PHE A 137 4.94 -19.89 -17.41
C PHE A 137 5.96 -20.99 -17.18
N TYR A 138 6.95 -20.73 -16.33
CA TYR A 138 8.10 -21.59 -16.13
C TYR A 138 7.64 -22.95 -15.57
N HIS A 139 6.69 -22.94 -14.64
N HIS A 139 6.74 -22.88 -14.61
CA HIS A 139 6.23 -24.20 -14.03
CA HIS A 139 6.22 -24.08 -14.02
C HIS A 139 5.40 -25.04 -15.00
C HIS A 139 5.69 -24.98 -15.12
N ASP A 140 4.93 -24.41 -16.06
CA ASP A 140 4.22 -25.16 -17.13
C ASP A 140 5.13 -25.70 -18.24
N LEU A 141 6.37 -25.26 -18.26
CA LEU A 141 7.34 -25.73 -19.26
C LEU A 141 7.82 -27.13 -18.99
N GLY A 142 8.01 -27.88 -20.07
CA GLY A 142 8.76 -29.13 -20.01
C GLY A 142 10.20 -28.89 -19.60
N GLU A 143 10.85 -29.95 -19.13
CA GLU A 143 12.18 -29.86 -18.60
C GLU A 143 13.20 -29.34 -19.62
N ASN A 144 13.10 -29.77 -20.87
CA ASN A 144 14.05 -29.33 -21.88
C ASN A 144 13.99 -27.78 -22.03
N LYS A 145 12.77 -27.25 -22.10
CA LYS A 145 12.58 -25.81 -22.21
C LYS A 145 12.95 -25.06 -20.92
N LYS A 146 12.70 -25.65 -19.74
CA LYS A 146 13.22 -25.06 -18.47
C LYS A 146 14.71 -24.84 -18.59
N LEU A 147 15.43 -25.87 -19.04
CA LEU A 147 16.88 -25.79 -19.19
C LEU A 147 17.28 -24.73 -20.23
N GLN A 148 16.58 -24.69 -21.37
CA GLN A 148 16.83 -23.64 -22.35
C GLN A 148 16.63 -22.24 -21.72
N MET A 149 15.58 -22.12 -20.93
CA MET A 149 15.27 -20.84 -20.28
C MET A 149 16.37 -20.47 -19.28
N LYS A 150 16.81 -21.41 -18.45
CA LYS A 150 17.87 -21.12 -17.50
C LYS A 150 19.12 -20.67 -18.24
N SER A 151 19.37 -21.23 -19.43
CA SER A 151 20.57 -20.92 -20.20
CA SER A 151 20.58 -20.90 -20.18
C SER A 151 20.56 -19.48 -20.72
N ILE A 152 19.44 -19.03 -21.25
CA ILE A 152 19.37 -17.64 -21.75
C ILE A 152 19.36 -16.59 -20.64
N VAL A 153 18.93 -16.98 -19.44
CA VAL A 153 19.11 -16.12 -18.26
C VAL A 153 20.55 -16.11 -17.80
N LYS A 154 21.13 -17.31 -17.66
CA LYS A 154 22.50 -17.40 -17.19
C LYS A 154 23.48 -16.65 -18.11
N ASN A 155 23.24 -16.72 -19.42
CA ASN A 155 24.09 -16.05 -20.43
C ASN A 155 23.80 -14.56 -20.64
N GLY A 156 22.81 -14.03 -19.93
CA GLY A 156 22.55 -12.59 -19.97
C GLY A 156 21.65 -12.08 -21.06
N GLN A 157 21.03 -12.96 -21.85
CA GLN A 157 20.15 -12.50 -22.89
C GLN A 157 18.76 -12.06 -22.37
N LEU A 158 18.20 -12.88 -21.47
CA LEU A 158 16.97 -12.52 -20.78
C LEU A 158 17.38 -12.09 -19.37
N GLU A 159 17.00 -10.86 -19.02
CA GLU A 159 17.36 -10.31 -17.71
C GLU A 159 16.12 -9.88 -16.98
N PHE A 160 16.02 -10.31 -15.74
CA PHE A 160 14.94 -9.88 -14.89
C PHE A 160 15.25 -8.53 -14.30
N VAL A 161 14.22 -7.67 -14.31
CA VAL A 161 14.34 -6.31 -13.79
C VAL A 161 13.33 -6.21 -12.65
N THR A 162 13.81 -5.68 -11.52
CA THR A 162 13.09 -5.68 -10.22
C THR A 162 12.91 -7.09 -9.67
N GLY A 163 12.16 -7.90 -10.38
CA GLY A 163 11.93 -9.28 -9.92
C GLY A 163 10.87 -9.40 -8.86
N GLY A 164 9.99 -8.41 -8.75
CA GLY A 164 8.83 -8.56 -7.88
C GLY A 164 7.74 -9.40 -8.54
N TRP A 165 6.83 -9.89 -7.70
CA TRP A 165 5.67 -10.59 -8.23
C TRP A 165 4.91 -9.73 -9.24
N VAL A 166 4.91 -8.41 -9.01
CA VAL A 166 4.27 -7.44 -9.87
C VAL A 166 5.14 -6.19 -9.97
N MET A 167 4.66 -5.20 -10.73
CA MET A 167 5.23 -3.85 -10.70
C MET A 167 4.19 -3.04 -9.91
N PRO A 168 4.43 -2.84 -8.61
CA PRO A 168 3.34 -2.35 -7.79
C PRO A 168 3.00 -0.88 -7.96
N ASP A 169 1.74 -0.58 -7.66
CA ASP A 169 1.38 0.79 -7.35
C ASP A 169 2.31 1.30 -6.27
N GLU A 170 2.61 2.60 -6.36
CA GLU A 170 3.46 3.21 -5.34
C GLU A 170 2.71 4.21 -4.48
N ALA A 171 1.44 4.47 -4.78
CA ALA A 171 0.68 5.48 -4.03
C ALA A 171 -0.11 4.86 -2.88
N ASN A 172 -0.88 3.80 -3.17
CA ASN A 172 -1.80 3.27 -2.17
C ASN A 172 -1.21 2.11 -1.41
N SER A 173 -0.15 1.53 -1.94
CA SER A 173 0.42 0.29 -1.40
C SER A 173 1.10 0.55 -0.06
N HIS A 174 0.93 -0.36 0.88
CA HIS A 174 1.67 -0.26 2.13
C HIS A 174 3.08 -0.81 1.91
N TRP A 175 4.08 -0.18 2.52
CA TRP A 175 5.45 -0.65 2.33
C TRP A 175 5.58 -2.11 2.69
N ARG A 176 4.80 -2.58 3.67
CA ARG A 176 4.92 -3.99 4.04
C ARG A 176 4.55 -4.90 2.88
N ASN A 177 3.57 -4.46 2.09
CA ASN A 177 3.14 -5.28 0.96
C ASN A 177 4.02 -5.09 -0.27
N VAL A 178 4.61 -3.93 -0.38
CA VAL A 178 5.60 -3.74 -1.42
C VAL A 178 6.75 -4.72 -1.15
N LEU A 179 7.19 -4.80 0.10
CA LEU A 179 8.26 -5.74 0.41
C LEU A 179 7.78 -7.18 0.20
N LEU A 180 6.53 -7.48 0.58
CA LEU A 180 6.03 -8.86 0.45
C LEU A 180 6.10 -9.29 -1.00
N GLN A 181 5.62 -8.44 -1.90
CA GLN A 181 5.58 -8.87 -3.32
C GLN A 181 6.98 -8.94 -3.92
N LEU A 182 7.85 -8.02 -3.50
CA LEU A 182 9.25 -8.07 -3.96
C LEU A 182 9.87 -9.39 -3.52
N THR A 183 9.64 -9.76 -2.27
CA THR A 183 10.25 -10.95 -1.70
C THR A 183 9.65 -12.17 -2.41
N GLU A 184 8.37 -12.15 -2.71
CA GLU A 184 7.76 -13.31 -3.34
C GLU A 184 8.40 -13.56 -4.72
N GLY A 185 8.52 -12.53 -5.53
CA GLY A 185 9.14 -12.71 -6.84
C GLY A 185 10.62 -13.04 -6.73
N GLN A 186 11.35 -12.35 -5.87
CA GLN A 186 12.80 -12.59 -5.83
C GLN A 186 13.11 -13.96 -5.25
N THR A 187 12.31 -14.42 -4.29
CA THR A 187 12.57 -15.75 -3.72
C THR A 187 12.37 -16.81 -4.80
N TRP A 188 11.35 -16.65 -5.63
CA TRP A 188 11.15 -17.56 -6.75
C TRP A 188 12.34 -17.46 -7.69
N LEU A 189 12.79 -16.26 -8.03
CA LEU A 189 13.93 -16.16 -8.97
C LEU A 189 15.19 -16.77 -8.43
N LYS A 190 15.46 -16.59 -7.15
CA LYS A 190 16.69 -17.18 -6.58
C LYS A 190 16.61 -18.70 -6.68
N GLN A 191 15.45 -19.26 -6.36
CA GLN A 191 15.32 -20.72 -6.28
C GLN A 191 15.39 -21.32 -7.67
N PHE A 192 14.67 -20.77 -8.64
CA PHE A 192 14.56 -21.40 -9.95
C PHE A 192 15.51 -20.88 -11.00
N MET A 193 15.89 -19.62 -10.88
CA MET A 193 16.68 -18.95 -11.92
C MET A 193 18.10 -18.65 -11.44
N ASN A 194 18.33 -18.79 -10.14
CA ASN A 194 19.59 -18.45 -9.53
C ASN A 194 20.11 -17.02 -9.85
N VAL A 195 19.19 -16.07 -9.79
CA VAL A 195 19.56 -14.67 -9.99
C VAL A 195 18.74 -13.81 -9.04
N THR A 196 19.34 -12.69 -8.66
CA THR A 196 18.66 -11.65 -7.87
C THR A 196 18.92 -10.30 -8.54
N PRO A 197 17.88 -9.70 -9.15
CA PRO A 197 18.05 -8.43 -9.81
C PRO A 197 18.53 -7.34 -8.85
N THR A 198 19.41 -6.48 -9.36
CA THR A 198 19.86 -5.31 -8.58
C THR A 198 19.47 -4.01 -9.30
N ALA A 199 18.75 -4.10 -10.41
CA ALA A 199 18.20 -2.94 -11.11
C ALA A 199 16.69 -3.07 -11.16
N SER A 200 16.01 -1.97 -10.86
CA SER A 200 14.56 -1.93 -10.84
C SER A 200 14.04 -1.16 -12.03
N TRP A 201 12.88 -1.60 -12.52
CA TRP A 201 12.20 -1.05 -13.71
C TRP A 201 10.72 -0.78 -13.35
N ALA A 202 10.36 0.49 -13.25
CA ALA A 202 8.98 0.84 -12.88
C ALA A 202 8.49 1.86 -13.88
N ILE A 203 8.01 1.35 -15.01
CA ILE A 203 7.62 2.26 -16.13
C ILE A 203 6.17 2.71 -16.09
N ASP A 204 5.33 2.05 -15.29
CA ASP A 204 3.91 2.32 -15.37
C ASP A 204 3.17 2.83 -14.09
N PRO A 205 3.71 2.66 -12.86
CA PRO A 205 2.93 3.19 -11.73
C PRO A 205 2.65 4.68 -11.90
N PHE A 206 1.51 5.14 -11.37
CA PHE A 206 1.03 6.49 -11.75
C PHE A 206 1.56 7.53 -10.76
N GLY A 207 2.83 7.84 -10.93
CA GLY A 207 3.60 8.60 -9.96
C GLY A 207 4.46 7.66 -9.14
N HIS A 208 5.45 8.23 -8.45
CA HIS A 208 6.49 7.41 -7.81
C HIS A 208 6.82 7.85 -6.41
N SER A 209 7.11 6.87 -5.54
CA SER A 209 7.33 7.07 -4.13
C SER A 209 8.76 6.75 -3.72
N PRO A 210 9.33 7.56 -2.81
CA PRO A 210 10.67 7.26 -2.30
C PRO A 210 10.68 5.99 -1.44
N THR A 211 9.51 5.44 -1.10
CA THR A 211 9.53 4.15 -0.39
C THR A 211 10.20 3.09 -1.25
N MET A 212 10.08 3.20 -2.57
CA MET A 212 10.73 2.20 -3.43
C MET A 212 12.26 2.17 -3.27
N PRO A 213 12.97 3.29 -3.51
CA PRO A 213 14.43 3.20 -3.26
C PRO A 213 14.72 2.82 -1.83
N TYR A 214 13.89 3.21 -0.86
CA TYR A 214 14.16 2.83 0.53
C TYR A 214 14.24 1.31 0.62
N ILE A 215 13.20 0.62 0.13
CA ILE A 215 13.14 -0.83 0.24
C ILE A 215 14.19 -1.47 -0.68
N LEU A 216 14.31 -0.95 -1.89
CA LEU A 216 15.23 -1.57 -2.84
C LEU A 216 16.69 -1.48 -2.35
N GLN A 217 17.08 -0.32 -1.84
CA GLN A 217 18.47 -0.17 -1.40
C GLN A 217 18.78 -1.09 -0.23
N LYS A 218 17.78 -1.41 0.58
CA LYS A 218 17.95 -2.37 1.70
C LYS A 218 17.74 -3.83 1.25
N SER A 219 17.54 -4.03 -0.05
CA SER A 219 17.35 -5.33 -0.64
C SER A 219 18.36 -5.62 -1.74
N GLY A 220 19.51 -4.97 -1.62
CA GLY A 220 20.65 -5.25 -2.52
C GLY A 220 20.66 -4.46 -3.82
N PHE A 221 19.68 -3.60 -4.08
CA PHE A 221 19.66 -2.93 -5.39
C PHE A 221 20.72 -1.84 -5.45
N LYS A 222 21.11 -1.58 -6.69
CA LYS A 222 22.06 -0.53 -7.01
C LYS A 222 21.50 0.52 -7.92
N ASN A 223 20.41 0.23 -8.64
CA ASN A 223 19.89 1.18 -9.62
C ASN A 223 18.41 1.00 -9.76
N MET A 224 17.74 2.08 -10.14
CA MET A 224 16.30 1.99 -10.45
C MET A 224 15.89 2.96 -11.53
N LEU A 225 14.79 2.65 -12.19
CA LEU A 225 14.28 3.47 -13.29
C LEU A 225 12.81 3.76 -13.03
N ILE A 226 12.41 4.98 -13.32
CA ILE A 226 11.02 5.44 -13.18
C ILE A 226 10.62 6.20 -14.43
N GLN A 227 9.32 6.36 -14.62
CA GLN A 227 8.79 6.99 -15.83
C GLN A 227 7.66 7.99 -15.58
N ARG A 228 6.61 7.64 -14.84
CA ARG A 228 5.44 8.49 -14.85
C ARG A 228 5.58 9.54 -13.79
N THR A 229 6.21 10.63 -14.20
CA THR A 229 6.32 11.79 -13.34
C THR A 229 5.74 12.98 -14.12
N HIS A 230 5.32 13.99 -13.37
CA HIS A 230 4.62 15.12 -13.97
C HIS A 230 5.42 15.69 -15.14
N TYR A 231 4.73 16.02 -16.24
CA TYR A 231 5.44 16.54 -17.41
C TYR A 231 6.25 17.78 -17.12
N SER A 232 5.84 18.58 -16.17
CA SER A 232 6.59 19.81 -15.81
C SER A 232 7.88 19.45 -15.09
N VAL A 233 7.83 18.40 -14.28
CA VAL A 233 9.00 17.91 -13.60
C VAL A 233 10.04 17.35 -14.62
N LYS A 234 9.57 16.54 -15.56
CA LYS A 234 10.48 16.04 -16.61
C LYS A 234 11.16 17.23 -17.30
N LYS A 235 10.40 18.26 -17.63
CA LYS A 235 11.00 19.41 -18.36
C LYS A 235 12.03 20.10 -17.52
N GLU A 236 11.71 20.38 -16.27
CA GLU A 236 12.62 21.04 -15.34
C GLU A 236 13.89 20.25 -15.13
N LEU A 237 13.76 18.98 -14.79
CA LEU A 237 14.92 18.17 -14.56
C LEU A 237 15.73 17.99 -15.86
N ALA A 238 15.04 17.82 -16.98
CA ALA A 238 15.78 17.65 -18.25
C ALA A 238 16.66 18.87 -18.54
N GLN A 239 16.10 20.06 -18.29
CA GLN A 239 16.85 21.31 -18.59
C GLN A 239 18.13 21.39 -17.78
N GLN A 240 18.16 20.78 -16.61
CA GLN A 240 19.31 20.81 -15.73
C GLN A 240 20.13 19.52 -15.76
N ARG A 241 19.76 18.63 -16.67
N ARG A 241 19.78 18.61 -16.67
CA ARG A 241 20.34 17.29 -16.73
CA ARG A 241 20.40 17.27 -16.68
C ARG A 241 20.34 16.62 -15.35
C ARG A 241 20.37 16.64 -15.29
N GLN A 242 19.18 16.69 -14.69
CA GLN A 242 18.98 16.10 -13.38
C GLN A 242 17.99 14.94 -13.45
N LEU A 243 17.92 14.29 -14.61
CA LEU A 243 17.01 13.12 -14.75
C LEU A 243 17.64 11.86 -14.18
N GLU A 244 18.95 11.82 -13.98
CA GLU A 244 19.62 10.76 -13.22
C GLU A 244 20.10 11.38 -11.96
N PHE A 245 19.77 10.76 -10.84
CA PHE A 245 20.04 11.35 -9.53
C PHE A 245 20.20 10.31 -8.47
N LEU A 246 20.88 10.65 -7.38
CA LEU A 246 20.98 9.78 -6.24
C LEU A 246 19.81 10.09 -5.31
N TRP A 247 18.82 9.20 -5.31
CA TRP A 247 17.57 9.48 -4.60
C TRP A 247 17.71 8.98 -3.19
N ARG A 248 17.74 9.93 -2.24
CA ARG A 248 17.82 9.59 -0.82
C ARG A 248 16.50 9.96 -0.11
N GLN A 249 16.34 9.40 1.07
CA GLN A 249 15.14 9.71 1.87
C GLN A 249 15.15 11.14 2.35
N ILE A 250 13.96 11.69 2.58
CA ILE A 250 13.86 13.08 2.89
C ILE A 250 14.52 13.45 4.22
N TRP A 251 14.67 12.50 5.12
CA TRP A 251 15.33 12.76 6.42
C TRP A 251 16.79 12.38 6.47
N ASP A 252 17.32 11.85 5.37
CA ASP A 252 18.64 11.25 5.39
C ASP A 252 19.75 12.26 5.18
N ASN A 253 20.39 12.68 6.27
CA ASN A 253 21.44 13.68 6.17
CA ASN A 253 21.42 13.71 6.20
C ASN A 253 22.71 13.23 5.55
N LYS A 254 23.07 11.99 5.83
CA LYS A 254 24.37 11.44 5.39
C LYS A 254 24.30 10.95 3.96
N GLY A 255 23.17 10.36 3.59
CA GLY A 255 23.00 9.85 2.23
C GLY A 255 23.14 8.34 2.08
N ASP A 256 23.18 7.59 3.19
CA ASP A 256 23.34 6.14 3.09
C ASP A 256 22.14 5.42 2.50
N THR A 257 21.00 6.12 2.43
CA THR A 257 19.82 5.51 1.79
C THR A 257 19.82 5.68 0.28
N ALA A 258 20.77 6.45 -0.25
CA ALA A 258 20.71 6.85 -1.66
C ALA A 258 20.71 5.67 -2.63
N LEU A 259 19.88 5.79 -3.67
CA LEU A 259 19.87 4.80 -4.75
C LEU A 259 19.89 5.56 -6.06
N PHE A 260 20.81 5.18 -6.96
CA PHE A 260 20.87 5.81 -8.27
C PHE A 260 19.57 5.57 -9.01
N THR A 261 18.99 6.64 -9.54
CA THR A 261 17.69 6.57 -10.18
C THR A 261 17.77 7.25 -11.54
N HIS A 262 17.21 6.59 -12.55
CA HIS A 262 17.03 7.16 -13.88
C HIS A 262 15.57 7.43 -14.13
N MET A 263 15.23 8.69 -14.36
CA MET A 263 13.89 9.07 -14.78
C MET A 263 13.88 9.22 -16.30
N MET A 264 13.03 8.47 -16.99
N MET A 264 12.96 8.52 -16.96
CA MET A 264 12.90 8.63 -18.42
CA MET A 264 12.73 8.66 -18.39
C MET A 264 12.27 10.01 -18.67
C MET A 264 12.15 10.04 -18.71
N PRO A 265 12.56 10.61 -19.85
CA PRO A 265 12.26 12.03 -20.04
C PRO A 265 10.94 12.38 -20.69
N PHE A 266 10.29 11.42 -21.35
CA PHE A 266 9.21 11.71 -22.26
C PHE A 266 7.84 11.22 -21.77
N TYR A 267 6.83 11.41 -22.58
CA TYR A 267 5.44 11.27 -22.13
C TYR A 267 5.06 9.81 -21.88
N SER A 268 5.70 8.89 -22.57
CA SER A 268 5.35 7.46 -22.49
C SER A 268 6.59 6.62 -22.57
N TYR A 269 6.48 5.34 -22.18
CA TYR A 269 7.53 4.36 -22.45
C TYR A 269 7.37 3.63 -23.78
N ASP A 270 6.33 3.99 -24.55
CA ASP A 270 6.14 3.34 -25.83
C ASP A 270 7.21 3.76 -26.84
N ILE A 271 7.28 3.04 -27.96
CA ILE A 271 8.40 3.26 -28.88
C ILE A 271 8.39 4.72 -29.40
N PRO A 272 7.22 5.25 -29.79
CA PRO A 272 7.19 6.66 -30.24
C PRO A 272 7.79 7.62 -29.24
N HIS A 273 7.79 7.29 -27.92
CA HIS A 273 8.29 8.25 -26.90
C HIS A 273 9.57 7.79 -26.23
N THR A 274 10.29 6.87 -26.89
CA THR A 274 11.52 6.40 -26.30
C THR A 274 12.77 6.51 -27.18
N CYS A 275 12.61 6.77 -28.48
CA CYS A 275 13.83 6.91 -29.30
C CYS A 275 14.44 8.30 -29.23
N GLY A 276 13.64 9.29 -28.85
CA GLY A 276 14.01 10.70 -28.96
C GLY A 276 12.80 11.56 -28.76
N PRO A 277 12.94 12.89 -28.89
CA PRO A 277 11.88 13.85 -28.59
C PRO A 277 10.74 13.94 -29.58
N ASP A 278 10.89 13.38 -30.78
CA ASP A 278 9.87 13.57 -31.81
C ASP A 278 9.15 12.26 -32.11
N PRO A 279 7.92 12.13 -31.57
CA PRO A 279 7.24 10.84 -31.77
C PRO A 279 6.87 10.53 -33.20
N LYS A 280 6.73 11.56 -34.05
CA LYS A 280 6.45 11.32 -35.46
C LYS A 280 7.61 10.60 -36.12
N VAL A 281 8.84 10.84 -35.66
CA VAL A 281 10.01 10.12 -36.14
C VAL A 281 10.15 8.75 -35.45
N CYS A 282 10.08 8.74 -34.12
CA CYS A 282 10.27 7.48 -33.39
C CYS A 282 9.23 6.41 -33.77
N CYS A 283 7.99 6.83 -34.04
CA CYS A 283 7.00 5.88 -34.47
C CYS A 283 7.41 5.08 -35.71
N GLN A 284 8.25 5.67 -36.59
CA GLN A 284 8.73 4.98 -37.79
C GLN A 284 9.72 3.91 -37.50
N PHE A 285 10.11 3.80 -36.22
CA PHE A 285 11.09 2.81 -35.78
C PHE A 285 10.42 1.78 -34.85
N ASP A 286 9.10 1.79 -34.86
CA ASP A 286 8.30 0.69 -34.26
C ASP A 286 7.83 -0.20 -35.40
N PHE A 287 8.56 -1.26 -35.69
CA PHE A 287 8.31 -2.00 -36.94
C PHE A 287 7.10 -2.87 -36.86
N LYS A 288 6.42 -2.87 -35.69
CA LYS A 288 5.11 -3.51 -35.60
C LYS A 288 3.98 -2.66 -36.19
N ARG A 289 4.28 -1.42 -36.61
CA ARG A 289 3.19 -0.51 -37.04
C ARG A 289 3.03 -0.32 -38.58
N MET A 290 3.37 -1.31 -39.39
CA MET A 290 3.26 -1.09 -40.85
C MET A 290 1.92 -1.55 -41.48
N GLY A 291 1.08 -2.23 -40.68
CA GLY A 291 -0.33 -2.52 -41.06
C GLY A 291 -0.86 -3.91 -40.73
N SER A 292 -0.08 -4.94 -41.02
CA SER A 292 -0.51 -6.34 -40.87
C SER A 292 -0.80 -6.76 -39.42
N PHE A 293 -0.27 -6.00 -38.46
CA PHE A 293 -0.53 -6.23 -37.03
C PHE A 293 -1.66 -5.39 -36.52
N GLY A 294 -2.32 -4.65 -37.41
CA GLY A 294 -3.43 -3.80 -36.99
C GLY A 294 -3.02 -2.59 -36.16
N LEU A 295 -1.77 -2.17 -36.31
CA LEU A 295 -1.29 -0.98 -35.64
C LEU A 295 -0.81 0.04 -36.67
N SER A 296 -0.82 1.32 -36.29
CA SER A 296 -0.36 2.37 -37.20
C SER A 296 0.19 3.48 -36.37
N CYS A 297 0.74 4.51 -37.03
CA CYS A 297 1.34 5.67 -36.38
C CYS A 297 0.37 6.83 -36.45
N PRO A 298 -0.11 7.34 -35.31
CA PRO A 298 -1.09 8.44 -35.36
C PRO A 298 -0.53 9.75 -35.93
N TRP A 299 0.80 9.84 -36.04
CA TRP A 299 1.46 11.03 -36.61
C TRP A 299 1.50 10.91 -38.12
N LYS A 300 0.97 9.82 -38.65
CA LYS A 300 0.67 9.68 -40.11
C LYS A 300 1.86 9.36 -41.03
N VAL A 301 3.00 9.04 -40.45
CA VAL A 301 4.13 8.55 -41.20
C VAL A 301 4.44 7.13 -40.71
N PRO A 302 4.26 6.11 -41.57
CA PRO A 302 4.44 4.75 -41.13
C PRO A 302 5.91 4.36 -41.05
N PRO A 303 6.22 3.27 -40.34
CA PRO A 303 7.56 2.73 -40.44
C PRO A 303 7.76 2.19 -41.85
N ARG A 304 9.02 2.12 -42.29
CA ARG A 304 9.36 1.44 -43.54
C ARG A 304 10.47 0.46 -43.27
N THR A 305 10.38 -0.71 -43.88
CA THR A 305 11.40 -1.73 -43.79
C THR A 305 12.77 -1.17 -44.15
N ILE A 306 13.76 -1.44 -43.32
CA ILE A 306 15.12 -0.98 -43.60
C ILE A 306 15.74 -1.81 -44.72
N SER A 307 16.33 -1.11 -45.70
CA SER A 307 16.96 -1.73 -46.87
C SER A 307 18.30 -1.06 -47.07
N ASP A 308 19.12 -1.62 -47.95
CA ASP A 308 20.36 -0.91 -48.31
C ASP A 308 20.11 0.47 -48.95
N GLN A 309 19.00 0.67 -49.63
CA GLN A 309 18.67 1.97 -50.24
C GLN A 309 18.17 3.06 -49.31
N ASN A 310 17.67 2.69 -48.14
CA ASN A 310 17.15 3.71 -47.24
C ASN A 310 17.92 3.74 -45.92
N VAL A 311 18.82 2.80 -45.69
CA VAL A 311 19.41 2.66 -44.31
C VAL A 311 20.18 3.91 -43.95
N ALA A 312 20.86 4.52 -44.89
CA ALA A 312 21.58 5.75 -44.59
C ALA A 312 20.67 6.87 -44.13
N ALA A 313 19.59 7.13 -44.87
CA ALA A 313 18.63 8.17 -44.50
C ALA A 313 17.95 7.81 -43.17
N ARG A 314 17.55 6.55 -43.04
CA ARG A 314 16.82 6.12 -41.83
C ARG A 314 17.74 6.27 -40.63
N SER A 315 19.00 5.87 -40.79
CA SER A 315 20.00 6.04 -39.72
C SER A 315 20.23 7.49 -39.37
N ASP A 316 20.34 8.36 -40.38
CA ASP A 316 20.49 9.76 -40.09
CA ASP A 316 20.41 9.84 -40.20
C ASP A 316 19.36 10.28 -39.20
N LEU A 317 18.11 9.92 -39.52
CA LEU A 317 16.97 10.35 -38.73
C LEU A 317 17.03 9.79 -37.30
N LEU A 318 17.37 8.50 -37.19
CA LEU A 318 17.35 7.83 -35.88
C LEU A 318 18.48 8.30 -35.00
N VAL A 319 19.69 8.41 -35.55
CA VAL A 319 20.82 8.88 -34.76
C VAL A 319 20.57 10.31 -34.28
N ASP A 320 19.95 11.15 -35.12
CA ASP A 320 19.61 12.51 -34.71
C ASP A 320 18.68 12.51 -33.50
N GLN A 321 17.65 11.64 -33.51
CA GLN A 321 16.80 11.50 -32.30
C GLN A 321 17.60 11.06 -31.06
N TRP A 322 18.45 10.05 -31.21
CA TRP A 322 19.28 9.59 -30.11
C TRP A 322 20.14 10.69 -29.54
N LYS A 323 20.78 11.44 -30.43
CA LYS A 323 21.71 12.47 -29.95
C LYS A 323 20.97 13.61 -29.27
N LYS A 324 19.75 13.90 -29.71
CA LYS A 324 18.86 14.81 -28.96
C LYS A 324 18.51 14.27 -27.57
N LYS A 325 18.07 13.02 -27.51
CA LYS A 325 17.82 12.40 -26.20
C LYS A 325 19.06 12.48 -25.31
N ALA A 326 20.23 12.23 -25.89
CA ALA A 326 21.46 12.17 -25.10
C ALA A 326 21.79 13.51 -24.49
N GLU A 327 21.30 14.56 -25.11
CA GLU A 327 21.53 15.90 -24.54
C GLU A 327 20.92 16.09 -23.17
N LEU A 328 19.94 15.25 -22.81
CA LEU A 328 19.22 15.42 -21.55
C LEU A 328 19.92 14.72 -20.39
N TYR A 329 21.02 14.01 -20.67
CA TYR A 329 21.73 13.21 -19.69
C TYR A 329 23.21 13.54 -19.68
N ARG A 330 23.92 13.05 -18.66
CA ARG A 330 25.29 13.49 -18.44
C ARG A 330 26.38 12.58 -18.95
N THR A 331 26.08 11.32 -19.27
CA THR A 331 27.14 10.43 -19.78
C THR A 331 27.00 10.22 -21.28
N ASN A 332 27.95 9.47 -21.83
CA ASN A 332 27.88 9.11 -23.23
C ASN A 332 27.27 7.72 -23.41
N VAL A 333 26.43 7.29 -22.44
CA VAL A 333 25.75 6.00 -22.53
C VAL A 333 24.25 6.29 -22.55
N LEU A 334 23.53 5.87 -23.60
CA LEU A 334 22.14 6.22 -23.79
C LEU A 334 21.24 5.00 -23.71
N LEU A 335 20.16 5.13 -22.93
CA LEU A 335 19.13 4.07 -22.80
C LEU A 335 17.99 4.33 -23.77
N ILE A 336 17.74 3.35 -24.65
CA ILE A 336 16.62 3.37 -25.56
C ILE A 336 15.73 2.13 -25.32
N PRO A 337 14.73 2.27 -24.46
CA PRO A 337 13.77 1.13 -24.33
C PRO A 337 13.09 0.85 -25.69
N LEU A 338 12.80 -0.41 -25.97
CA LEU A 338 12.10 -0.77 -27.21
C LEU A 338 10.97 -1.74 -26.86
N GLY A 339 9.79 -1.19 -26.63
CA GLY A 339 8.67 -2.06 -26.25
C GLY A 339 7.43 -1.29 -25.93
N ASP A 340 6.39 -2.02 -25.50
CA ASP A 340 5.09 -1.45 -25.18
C ASP A 340 4.29 -2.59 -24.53
N ASP A 341 3.01 -2.33 -24.35
CA ASP A 341 2.16 -3.25 -23.56
C ASP A 341 1.96 -4.54 -24.37
N PHE A 342 2.23 -5.66 -23.70
CA PHE A 342 2.04 -6.99 -24.28
C PHE A 342 2.68 -7.14 -25.66
N ARG A 343 3.84 -6.50 -25.82
CA ARG A 343 4.60 -6.65 -27.05
C ARG A 343 5.39 -7.94 -27.11
N PHE A 344 5.95 -8.20 -28.28
CA PHE A 344 6.78 -9.41 -28.54
C PHE A 344 5.98 -10.70 -28.41
N LYS A 345 4.76 -10.68 -28.91
CA LYS A 345 3.86 -11.84 -28.83
C LYS A 345 3.98 -12.82 -29.99
N GLN A 346 4.05 -12.28 -31.20
CA GLN A 346 4.08 -13.06 -32.44
C GLN A 346 5.55 -13.25 -32.86
N ASN A 347 5.87 -14.42 -33.39
CA ASN A 347 7.19 -14.65 -33.97
C ASN A 347 7.54 -13.62 -35.03
N THR A 348 6.56 -13.27 -35.86
CA THR A 348 6.76 -12.28 -36.92
C THR A 348 7.12 -10.92 -36.35
N GLU A 349 6.63 -10.62 -35.14
CA GLU A 349 6.98 -9.37 -34.48
C GLU A 349 8.42 -9.36 -33.98
N TRP A 350 8.85 -10.47 -33.38
CA TRP A 350 10.23 -10.60 -32.99
C TRP A 350 11.12 -10.35 -34.20
N ASP A 351 10.78 -10.99 -35.32
CA ASP A 351 11.61 -10.85 -36.54
C ASP A 351 11.61 -9.44 -37.06
N VAL A 352 10.44 -8.82 -37.17
CA VAL A 352 10.37 -7.51 -37.78
C VAL A 352 11.15 -6.46 -36.93
N GLN A 353 11.10 -6.53 -35.59
CA GLN A 353 11.86 -5.60 -34.81
C GLN A 353 13.32 -5.93 -34.89
N ARG A 354 13.69 -7.18 -34.66
CA ARG A 354 15.10 -7.54 -34.61
C ARG A 354 15.84 -7.28 -35.93
N VAL A 355 15.28 -7.72 -37.04
CA VAL A 355 16.02 -7.65 -38.31
C VAL A 355 16.21 -6.19 -38.71
N ASN A 356 15.17 -5.37 -38.54
CA ASN A 356 15.27 -3.97 -38.90
C ASN A 356 16.30 -3.24 -38.03
N TYR A 357 16.30 -3.50 -36.72
CA TYR A 357 17.30 -2.87 -35.86
C TYR A 357 18.67 -3.39 -36.15
N GLU A 358 18.80 -4.69 -36.41
CA GLU A 358 20.12 -5.20 -36.81
C GLU A 358 20.68 -4.47 -38.05
N ARG A 359 19.82 -4.16 -39.02
CA ARG A 359 20.33 -3.47 -40.22
C ARG A 359 20.77 -2.05 -39.86
N LEU A 360 20.01 -1.39 -39.00
CA LEU A 360 20.39 -0.07 -38.54
C LEU A 360 21.71 -0.13 -37.78
N PHE A 361 21.86 -1.04 -36.84
CA PHE A 361 23.11 -1.12 -36.08
C PHE A 361 24.32 -1.37 -37.00
N GLU A 362 24.16 -2.27 -37.96
CA GLU A 362 25.29 -2.59 -38.83
C GLU A 362 25.73 -1.32 -39.59
N HIS A 363 24.77 -0.57 -40.12
CA HIS A 363 25.12 0.66 -40.80
C HIS A 363 25.71 1.69 -39.86
N ILE A 364 25.00 2.03 -38.79
CA ILE A 364 25.39 3.10 -37.90
C ILE A 364 26.75 2.81 -37.34
N ASN A 365 27.00 1.58 -36.90
CA ASN A 365 28.24 1.25 -36.21
C ASN A 365 29.47 1.22 -37.15
N SER A 366 29.19 1.09 -38.44
CA SER A 366 30.21 1.02 -39.50
C SER A 366 30.52 2.40 -40.09
N GLN A 367 29.68 3.39 -39.78
CA GLN A 367 29.82 4.74 -40.33
C GLN A 367 30.43 5.63 -39.27
N ALA A 368 31.76 5.79 -39.34
CA ALA A 368 32.48 6.54 -38.31
C ALA A 368 31.93 7.94 -38.06
N HIS A 369 31.37 8.58 -39.09
CA HIS A 369 30.88 9.97 -38.94
C HIS A 369 29.75 10.10 -37.89
N PHE A 370 29.06 9.00 -37.62
CA PHE A 370 28.05 9.05 -36.55
C PHE A 370 28.67 9.07 -35.15
N ASN A 371 29.82 8.42 -34.99
CA ASN A 371 30.46 8.27 -33.70
C ASN A 371 29.51 7.64 -32.69
N VAL A 372 28.82 6.59 -33.15
CA VAL A 372 27.87 5.85 -32.30
C VAL A 372 28.19 4.38 -32.33
N GLN A 373 28.05 3.71 -31.18
CA GLN A 373 28.09 2.26 -31.12
C GLN A 373 26.77 1.79 -30.50
N ALA A 374 25.90 1.18 -31.29
CA ALA A 374 24.56 0.81 -30.83
C ALA A 374 24.37 -0.68 -30.83
N GLN A 375 23.63 -1.18 -29.83
CA GLN A 375 23.45 -2.63 -29.69
C GLN A 375 22.24 -2.88 -28.85
N PHE A 376 21.67 -4.07 -29.00
CA PHE A 376 20.67 -4.52 -28.02
C PHE A 376 21.38 -4.69 -26.72
N GLY A 377 20.67 -4.30 -25.66
CA GLY A 377 21.24 -4.47 -24.34
C GLY A 377 20.15 -4.75 -23.31
N THR A 378 20.61 -4.97 -22.07
CA THR A 378 19.69 -5.10 -20.95
C THR A 378 19.80 -3.85 -20.06
N LEU A 379 18.90 -3.78 -19.09
CA LEU A 379 18.91 -2.64 -18.19
C LEU A 379 20.18 -2.57 -17.35
N GLN A 380 20.60 -3.72 -16.82
CA GLN A 380 21.83 -3.75 -16.02
C GLN A 380 23.03 -3.34 -16.86
N GLU A 381 23.06 -3.72 -18.12
CA GLU A 381 24.17 -3.32 -18.99
C GLU A 381 24.20 -1.80 -19.12
N TYR A 382 23.05 -1.15 -19.31
CA TYR A 382 23.02 0.30 -19.33
C TYR A 382 23.61 0.88 -18.04
N PHE A 383 23.10 0.46 -16.89
CA PHE A 383 23.58 1.06 -15.66
C PHE A 383 25.06 0.79 -15.44
N ASP A 384 25.51 -0.41 -15.76
CA ASP A 384 26.93 -0.71 -15.57
C ASP A 384 27.78 0.25 -16.40
N ALA A 385 27.37 0.51 -17.63
CA ALA A 385 28.12 1.42 -18.48
C ALA A 385 28.04 2.86 -17.97
N VAL A 386 26.87 3.30 -17.47
CA VAL A 386 26.78 4.65 -16.92
C VAL A 386 27.75 4.82 -15.75
N HIS A 387 27.81 3.83 -14.87
CA HIS A 387 28.70 3.97 -13.72
C HIS A 387 30.16 3.83 -14.10
N GLN A 388 30.46 3.08 -15.14
CA GLN A 388 31.84 3.08 -15.68
C GLN A 388 32.20 4.48 -16.13
N ALA A 389 31.29 5.16 -16.81
CA ALA A 389 31.53 6.55 -17.24
C ALA A 389 31.72 7.48 -16.05
N GLU A 390 30.90 7.29 -15.01
CA GLU A 390 30.96 8.08 -13.77
C GLU A 390 32.33 7.91 -13.14
N ARG A 391 32.78 6.67 -13.01
CA ARG A 391 34.05 6.38 -12.35
C ARG A 391 35.23 6.92 -13.17
N ALA A 392 35.05 7.02 -14.48
CA ALA A 392 36.08 7.59 -15.36
C ALA A 392 36.14 9.13 -15.22
N GLY A 393 35.28 9.70 -14.36
CA GLY A 393 35.28 11.15 -14.15
C GLY A 393 34.47 11.88 -15.19
N GLN A 394 33.64 11.15 -15.91
CA GLN A 394 32.94 11.72 -17.02
C GLN A 394 31.68 12.47 -16.58
N ALA A 395 31.17 12.15 -15.39
CA ALA A 395 29.94 12.73 -14.87
C ALA A 395 29.87 12.63 -13.36
N GLU A 396 29.20 13.60 -12.74
CA GLU A 396 28.83 13.52 -11.34
C GLU A 396 27.32 13.67 -11.35
N PHE A 397 26.66 12.99 -10.41
CA PHE A 397 25.22 13.05 -10.39
C PHE A 397 24.67 13.85 -9.22
N PRO A 398 23.57 14.52 -9.43
CA PRO A 398 22.93 15.25 -8.35
C PRO A 398 22.24 14.38 -7.36
N THR A 399 22.08 14.90 -6.16
CA THR A 399 21.32 14.26 -5.10
C THR A 399 19.89 14.82 -5.09
N LEU A 400 18.95 13.97 -4.71
CA LEU A 400 17.54 14.36 -4.75
C LEU A 400 16.82 13.71 -3.60
N SER A 401 15.90 14.46 -2.98
CA SER A 401 14.89 13.84 -2.11
C SER A 401 13.52 14.38 -2.43
N GLY A 402 12.52 13.60 -2.02
CA GLY A 402 11.12 13.96 -2.24
C GLY A 402 10.39 12.84 -2.95
N ASP A 403 9.17 13.13 -3.39
CA ASP A 403 8.36 12.15 -4.12
C ASP A 403 7.96 12.72 -5.45
N PHE A 404 7.20 11.95 -6.20
CA PHE A 404 6.72 12.31 -7.53
C PHE A 404 5.21 12.07 -7.58
N PHE A 405 4.54 12.65 -6.61
CA PHE A 405 3.07 12.75 -6.63
C PHE A 405 2.73 14.23 -6.54
N THR A 406 1.61 14.66 -7.11
CA THR A 406 0.66 13.88 -7.92
C THR A 406 0.97 14.02 -9.38
N TYR A 407 1.01 12.88 -10.05
CA TYR A 407 1.31 12.80 -11.48
C TYR A 407 0.24 13.48 -12.33
N ALA A 408 0.69 14.21 -13.35
CA ALA A 408 -0.15 14.56 -14.49
C ALA A 408 0.60 14.21 -15.74
N ASP A 409 -0.07 13.55 -16.67
CA ASP A 409 0.57 13.23 -17.95
C ASP A 409 0.41 14.32 -19.00
N ARG A 410 -0.60 15.19 -18.83
CA ARG A 410 -0.85 16.30 -19.79
C ARG A 410 -1.83 17.26 -19.15
N SER A 411 -1.74 18.51 -19.59
CA SER A 411 -2.64 19.59 -19.20
C SER A 411 -2.97 19.57 -17.72
N ASP A 412 -4.26 19.54 -17.36
CA ASP A 412 -4.67 19.52 -15.96
C ASP A 412 -5.14 18.12 -15.54
N ASN A 413 -4.71 17.10 -16.27
CA ASN A 413 -5.17 15.73 -16.03
C ASN A 413 -4.24 15.09 -14.96
N TYR A 414 -4.57 15.40 -13.70
CA TYR A 414 -3.87 14.86 -12.52
C TYR A 414 -4.51 13.56 -12.09
N TRP A 415 -3.66 12.58 -11.84
CA TRP A 415 -4.11 11.21 -11.59
C TRP A 415 -4.33 11.03 -10.09
N SER A 416 -5.21 11.82 -9.49
CA SER A 416 -5.49 11.65 -8.09
C SER A 416 -6.78 10.85 -7.83
N GLY A 417 -7.50 10.49 -8.90
CA GLY A 417 -8.74 9.70 -8.73
C GLY A 417 -8.41 8.33 -8.16
N TYR A 418 -7.35 7.71 -8.66
CA TYR A 418 -7.06 6.34 -8.25
C TYR A 418 -6.58 6.24 -6.81
N TYR A 419 -6.39 7.36 -6.13
CA TYR A 419 -6.13 7.29 -4.69
C TYR A 419 -7.38 6.82 -3.93
N THR A 420 -8.54 6.82 -4.61
CA THR A 420 -9.81 6.42 -3.98
C THR A 420 -10.56 5.35 -4.76
N SER A 421 -10.36 5.22 -6.06
CA SER A 421 -11.18 4.31 -6.84
C SER A 421 -11.26 2.91 -6.24
N ARG A 422 -12.46 2.31 -6.27
CA ARG A 422 -12.69 0.96 -5.71
C ARG A 422 -12.21 0.89 -4.25
N PRO A 423 -12.77 1.70 -3.39
CA PRO A 423 -12.30 1.74 -2.02
C PRO A 423 -12.59 0.50 -1.23
N TYR A 424 -13.58 -0.30 -1.63
CA TYR A 424 -13.81 -1.58 -0.92
C TYR A 424 -12.55 -2.43 -0.93
N HIS A 425 -11.92 -2.46 -2.10
CA HIS A 425 -10.75 -3.34 -2.26
C HIS A 425 -9.50 -2.72 -1.66
N LYS A 426 -9.43 -1.39 -1.65
CA LYS A 426 -8.36 -0.72 -0.93
C LYS A 426 -8.42 -1.06 0.55
N ARG A 427 -9.62 -1.09 1.15
CA ARG A 427 -9.74 -1.49 2.53
C ARG A 427 -9.39 -2.98 2.70
N MET A 428 -9.89 -3.81 1.78
CA MET A 428 -9.59 -5.24 1.86
C MET A 428 -8.08 -5.48 1.85
N ASP A 429 -7.31 -4.70 1.07
CA ASP A 429 -5.87 -4.84 1.04
C ASP A 429 -5.29 -4.74 2.44
N ARG A 430 -5.75 -3.79 3.23
CA ARG A 430 -5.19 -3.59 4.55
C ARG A 430 -5.60 -4.68 5.51
N VAL A 431 -6.82 -5.20 5.37
CA VAL A 431 -7.23 -6.35 6.17
C VAL A 431 -6.34 -7.56 5.87
N LEU A 432 -6.23 -7.89 4.58
CA LEU A 432 -5.40 -9.03 4.20
C LEU A 432 -3.95 -8.80 4.58
N MET A 433 -3.45 -7.56 4.46
CA MET A 433 -2.07 -7.28 4.89
C MET A 433 -1.85 -7.82 6.29
N HIS A 434 -2.77 -7.48 7.18
CA HIS A 434 -2.64 -7.85 8.58
C HIS A 434 -2.83 -9.36 8.77
N TYR A 435 -3.81 -9.96 8.08
CA TYR A 435 -4.02 -11.39 8.22
C TYR A 435 -2.81 -12.19 7.73
N VAL A 436 -2.13 -11.73 6.67
CA VAL A 436 -0.93 -12.42 6.22
C VAL A 436 0.14 -12.34 7.31
N ARG A 437 0.35 -11.15 7.86
CA ARG A 437 1.36 -11.00 8.91
C ARG A 437 0.99 -11.95 10.08
N ALA A 438 -0.26 -11.90 10.52
CA ALA A 438 -0.65 -12.70 11.70
C ALA A 438 -0.53 -14.19 11.42
N ALA A 439 -0.94 -14.65 10.24
CA ALA A 439 -0.82 -16.07 9.90
C ALA A 439 0.63 -16.49 9.87
N GLU A 440 1.49 -15.70 9.22
CA GLU A 440 2.90 -16.08 9.12
C GLU A 440 3.51 -16.08 10.52
N MET A 441 3.17 -15.11 11.36
CA MET A 441 3.77 -15.02 12.70
C MET A 441 3.27 -16.16 13.59
N LEU A 442 1.95 -16.37 13.66
CA LEU A 442 1.42 -17.43 14.53
C LEU A 442 1.97 -18.79 14.16
N SER A 443 2.12 -19.06 12.86
CA SER A 443 2.58 -20.37 12.44
C SER A 443 4.07 -20.51 12.49
N ALA A 444 4.81 -19.40 12.59
CA ALA A 444 6.27 -19.46 12.63
C ALA A 444 6.80 -20.12 13.87
N TRP A 445 6.07 -20.06 14.97
CA TRP A 445 6.58 -20.57 16.24
C TRP A 445 6.90 -22.07 16.21
N HIS A 446 6.21 -22.82 15.34
CA HIS A 446 6.43 -24.27 15.26
C HIS A 446 6.88 -24.62 13.86
N SER A 447 7.51 -25.77 13.75
CA SER A 447 7.71 -26.45 12.50
C SER A 447 6.47 -27.34 12.26
N TRP A 448 5.94 -27.39 11.05
CA TRP A 448 4.71 -28.10 10.80
C TRP A 448 4.93 -29.24 9.85
N ASP A 449 4.26 -30.36 10.12
CA ASP A 449 4.26 -31.44 9.15
C ASP A 449 3.68 -30.99 7.83
N GLY A 450 4.20 -31.53 6.74
CA GLY A 450 3.71 -31.20 5.42
C GLY A 450 2.22 -31.42 5.25
N MET A 451 1.67 -32.39 5.97
CA MET A 451 0.24 -32.69 5.88
C MET A 451 -0.65 -31.58 6.42
N ALA A 452 -0.08 -30.67 7.21
CA ALA A 452 -0.83 -29.54 7.76
C ALA A 452 -1.09 -28.47 6.71
N ARG A 453 -0.40 -28.55 5.57
CA ARG A 453 -0.61 -27.61 4.44
C ARG A 453 -0.41 -26.17 4.85
N ILE A 454 0.46 -25.92 5.82
CA ILE A 454 0.71 -24.56 6.29
C ILE A 454 1.46 -23.76 5.23
N GLU A 455 2.59 -24.25 4.75
CA GLU A 455 3.37 -23.54 3.72
C GLU A 455 2.52 -23.32 2.48
N GLU A 456 1.72 -24.29 2.10
CA GLU A 456 0.87 -24.16 0.93
C GLU A 456 -0.11 -23.00 1.09
N ARG A 457 -0.81 -22.96 2.21
CA ARG A 457 -1.82 -21.90 2.40
C ARG A 457 -1.15 -20.53 2.53
N LEU A 458 0.00 -20.44 3.19
CA LEU A 458 0.68 -19.16 3.31
C LEU A 458 1.21 -18.71 1.98
N GLU A 459 1.72 -19.62 1.14
CA GLU A 459 2.19 -19.19 -0.18
C GLU A 459 1.01 -18.62 -0.98
N GLN A 460 -0.14 -19.29 -0.93
CA GLN A 460 -1.31 -18.80 -1.65
C GLN A 460 -1.65 -17.39 -1.16
N ALA A 461 -1.71 -17.23 0.16
CA ALA A 461 -2.12 -15.93 0.70
C ALA A 461 -1.11 -14.84 0.32
N ARG A 462 0.18 -15.15 0.41
CA ARG A 462 1.18 -14.15 0.03
C ARG A 462 1.01 -13.79 -1.42
N ARG A 463 0.73 -14.78 -2.26
CA ARG A 463 0.74 -14.50 -3.70
C ARG A 463 -0.45 -13.74 -4.11
N GLU A 464 -1.62 -13.99 -3.51
CA GLU A 464 -2.79 -13.22 -3.89
C GLU A 464 -2.72 -11.81 -3.40
N LEU A 465 -2.21 -11.61 -2.20
CA LEU A 465 -2.02 -10.22 -1.73
C LEU A 465 -0.95 -9.51 -2.58
N SER A 466 0.13 -10.22 -2.91
CA SER A 466 1.15 -9.63 -3.77
C SER A 466 0.61 -9.24 -5.14
N LEU A 467 -0.24 -10.09 -5.73
CA LEU A 467 -0.81 -9.81 -7.02
C LEU A 467 -1.58 -8.49 -6.95
N PHE A 468 -2.30 -8.29 -5.85
CA PHE A 468 -3.17 -7.10 -5.76
C PHE A 468 -2.36 -5.82 -5.65
N GLN A 469 -1.06 -5.92 -5.32
CA GLN A 469 -0.25 -4.69 -5.30
C GLN A 469 -0.04 -4.14 -6.69
N HIS A 470 -0.34 -4.91 -7.72
CA HIS A 470 -0.22 -4.42 -9.09
C HIS A 470 -0.82 -3.04 -9.24
N HIS A 471 -0.26 -2.27 -10.17
CA HIS A 471 -0.72 -0.91 -10.43
C HIS A 471 -2.07 -0.80 -11.15
N ASP A 472 -2.78 -1.93 -11.38
CA ASP A 472 -4.22 -1.87 -11.70
C ASP A 472 -5.03 -2.66 -10.70
N GLY A 473 -4.42 -3.08 -9.59
CA GLY A 473 -5.13 -3.84 -8.59
C GLY A 473 -5.61 -2.88 -7.53
N ILE A 474 -4.74 -2.63 -6.54
CA ILE A 474 -5.12 -1.76 -5.43
C ILE A 474 -5.55 -0.35 -5.91
N THR A 475 -5.04 0.05 -7.06
CA THR A 475 -5.37 1.36 -7.59
C THR A 475 -6.84 1.51 -8.03
N GLY A 476 -7.56 0.39 -8.21
CA GLY A 476 -8.95 0.51 -8.65
C GLY A 476 -9.08 0.94 -10.09
N THR A 477 -8.11 0.58 -10.92
CA THR A 477 -8.13 0.97 -12.30
C THR A 477 -8.35 -0.18 -13.27
N ALA A 478 -8.88 -1.32 -12.81
CA ALA A 478 -9.14 -2.48 -13.70
C ALA A 478 -10.62 -2.55 -14.05
N LYS A 479 -10.89 -3.38 -15.07
CA LYS A 479 -12.29 -3.53 -15.48
C LYS A 479 -13.03 -4.28 -14.36
N THR A 480 -14.35 -4.13 -14.34
CA THR A 480 -15.17 -4.70 -13.31
C THR A 480 -14.90 -6.19 -13.05
N HIS A 481 -14.84 -6.99 -14.12
CA HIS A 481 -14.66 -8.43 -13.89
C HIS A 481 -13.26 -8.76 -13.39
N VAL A 482 -12.32 -7.86 -13.62
CA VAL A 482 -10.96 -8.08 -13.11
C VAL A 482 -10.92 -7.72 -11.62
N VAL A 483 -11.60 -6.64 -11.25
CA VAL A 483 -11.78 -6.34 -9.83
C VAL A 483 -12.40 -7.51 -9.07
N VAL A 484 -13.38 -8.15 -9.71
CA VAL A 484 -14.01 -9.34 -9.09
C VAL A 484 -13.01 -10.45 -8.93
N ASP A 485 -12.17 -10.67 -9.93
CA ASP A 485 -11.13 -11.67 -9.79
C ASP A 485 -10.17 -11.39 -8.66
N TYR A 486 -9.71 -10.15 -8.52
CA TYR A 486 -8.84 -9.82 -7.39
C TYR A 486 -9.55 -10.03 -6.06
N GLU A 487 -10.83 -9.67 -5.98
CA GLU A 487 -11.55 -9.86 -4.74
C GLU A 487 -11.66 -11.35 -4.38
N GLN A 488 -12.00 -12.19 -5.37
CA GLN A 488 -12.14 -13.62 -5.12
C GLN A 488 -10.79 -14.17 -4.67
N ARG A 489 -9.69 -13.76 -5.30
CA ARG A 489 -8.38 -14.22 -4.90
C ARG A 489 -8.08 -13.78 -3.47
N MET A 490 -8.42 -12.53 -3.13
CA MET A 490 -8.14 -12.08 -1.78
C MET A 490 -9.04 -12.80 -0.75
N GLN A 491 -10.28 -13.12 -1.12
CA GLN A 491 -11.14 -13.88 -0.21
C GLN A 491 -10.57 -15.24 0.06
N GLU A 492 -10.03 -15.87 -0.97
CA GLU A 492 -9.42 -17.16 -0.77
C GLU A 492 -8.19 -17.00 0.12
N ALA A 493 -7.42 -15.94 -0.06
CA ALA A 493 -6.26 -15.70 0.78
C ALA A 493 -6.67 -15.45 2.26
N LEU A 494 -7.74 -14.69 2.50
CA LEU A 494 -8.21 -14.51 3.87
C LEU A 494 -8.57 -15.85 4.50
N LYS A 495 -9.24 -16.72 3.76
CA LYS A 495 -9.61 -18.04 4.30
C LYS A 495 -8.37 -18.88 4.59
N ALA A 496 -7.36 -18.79 3.73
CA ALA A 496 -6.13 -19.49 3.97
C ALA A 496 -5.48 -19.00 5.28
N CYS A 497 -5.43 -17.67 5.46
CA CYS A 497 -4.85 -17.09 6.68
C CYS A 497 -5.62 -17.54 7.90
N GLN A 498 -6.94 -17.52 7.81
CA GLN A 498 -7.75 -17.95 8.96
C GLN A 498 -7.41 -19.39 9.33
N MET A 499 -7.31 -20.28 8.33
CA MET A 499 -7.03 -21.68 8.60
C MET A 499 -5.71 -21.80 9.33
N VAL A 500 -4.67 -21.12 8.81
CA VAL A 500 -3.36 -21.23 9.40
C VAL A 500 -3.37 -20.64 10.81
N MET A 501 -4.00 -19.47 10.99
CA MET A 501 -4.03 -18.82 12.30
C MET A 501 -4.70 -19.74 13.31
N GLN A 502 -5.86 -20.30 12.96
CA GLN A 502 -6.60 -21.04 13.99
C GLN A 502 -5.93 -22.37 14.32
N GLN A 503 -5.32 -23.03 13.33
CA GLN A 503 -4.51 -24.24 13.66
C GLN A 503 -3.40 -23.85 14.59
N SER A 504 -2.78 -22.70 14.37
CA SER A 504 -1.66 -22.27 15.18
C SER A 504 -2.08 -21.97 16.60
N VAL A 505 -3.20 -21.27 16.77
CA VAL A 505 -3.68 -20.94 18.12
C VAL A 505 -3.97 -22.25 18.89
N TYR A 506 -4.58 -23.21 18.22
CA TYR A 506 -4.90 -24.45 18.88
C TYR A 506 -3.62 -25.13 19.37
N ARG A 507 -2.59 -25.10 18.56
CA ARG A 507 -1.33 -25.76 18.92
C ARG A 507 -0.61 -25.00 20.01
N LEU A 508 -0.65 -23.68 19.97
CA LEU A 508 0.06 -22.87 20.95
C LEU A 508 -0.56 -22.90 22.35
N LEU A 509 -1.86 -23.21 22.44
CA LEU A 509 -2.59 -23.09 23.70
C LEU A 509 -3.20 -24.42 24.16
N THR A 510 -2.73 -25.55 23.61
CA THR A 510 -3.22 -26.85 24.08
C THR A 510 -2.03 -27.58 24.70
N LYS A 511 -2.28 -28.20 25.87
CA LYS A 511 -1.26 -29.01 26.54
C LYS A 511 -0.69 -29.97 25.52
N PRO A 512 0.63 -30.00 25.36
CA PRO A 512 1.20 -30.81 24.28
C PRO A 512 0.85 -32.30 24.22
N SER A 513 0.74 -32.95 25.38
CA SER A 513 0.42 -34.39 25.37
C SER A 513 -1.05 -34.69 25.09
N ILE A 514 -1.85 -33.63 24.97
CA ILE A 514 -3.28 -33.70 24.65
C ILE A 514 -3.50 -33.29 23.18
N TYR A 515 -2.65 -32.41 22.66
CA TYR A 515 -2.86 -31.86 21.31
C TYR A 515 -3.00 -32.95 20.25
N SER A 516 -4.09 -32.95 19.51
CA SER A 516 -4.39 -34.02 18.57
C SER A 516 -5.03 -33.41 17.32
N PRO A 517 -4.22 -32.77 16.47
CA PRO A 517 -4.81 -31.97 15.41
C PRO A 517 -5.34 -32.73 14.24
N ASP A 518 -6.49 -32.29 13.77
CA ASP A 518 -7.02 -32.62 12.48
C ASP A 518 -6.76 -31.35 11.67
N PHE A 519 -5.87 -31.46 10.70
CA PHE A 519 -5.43 -30.27 9.95
C PHE A 519 -6.47 -29.70 9.02
N SER A 520 -7.62 -30.36 8.89
CA SER A 520 -8.72 -29.84 8.09
C SER A 520 -9.81 -29.20 8.97
N PHE A 521 -9.68 -29.34 10.29
CA PHE A 521 -10.75 -28.97 11.20
C PHE A 521 -10.63 -27.51 11.64
N SER A 522 -11.75 -26.83 11.85
N SER A 522 -11.78 -26.89 11.90
CA SER A 522 -11.75 -25.47 12.38
CA SER A 522 -11.86 -25.54 12.38
C SER A 522 -11.99 -25.50 13.87
C SER A 522 -12.01 -25.56 13.90
N TYR A 523 -10.89 -25.47 14.60
CA TYR A 523 -10.90 -25.35 16.07
C TYR A 523 -11.39 -24.00 16.54
N PHE A 524 -11.11 -22.95 15.77
CA PHE A 524 -11.58 -21.62 16.07
C PHE A 524 -12.07 -20.98 14.80
N THR A 525 -13.02 -20.09 14.97
CA THR A 525 -13.33 -19.18 13.87
C THR A 525 -12.93 -17.78 14.24
N LEU A 526 -12.42 -17.05 13.25
CA LEU A 526 -12.06 -15.67 13.49
C LEU A 526 -13.31 -14.83 13.61
N ASP A 527 -13.22 -13.82 14.45
CA ASP A 527 -14.28 -12.86 14.59
C ASP A 527 -13.68 -11.50 14.28
N ASP A 528 -14.17 -10.83 13.25
CA ASP A 528 -13.60 -9.56 12.86
C ASP A 528 -14.73 -8.55 12.88
N SER A 529 -14.64 -7.57 13.77
CA SER A 529 -15.69 -6.57 13.90
C SER A 529 -15.68 -5.53 12.80
N ARG A 530 -14.61 -5.44 12.01
CA ARG A 530 -14.53 -4.32 11.08
C ARG A 530 -14.32 -4.73 9.66
N TRP A 531 -14.37 -6.01 9.39
CA TRP A 531 -14.28 -6.44 8.01
C TRP A 531 -15.11 -7.72 7.82
N PRO A 532 -15.99 -7.77 6.81
CA PRO A 532 -16.36 -6.68 5.90
C PRO A 532 -17.05 -5.54 6.63
N GLY A 533 -17.57 -5.81 7.82
CA GLY A 533 -18.13 -4.76 8.67
C GLY A 533 -19.64 -4.79 8.76
N SER A 534 -20.12 -4.21 9.86
CA SER A 534 -21.56 -4.07 10.09
C SER A 534 -22.15 -3.26 8.95
N GLY A 535 -23.21 -3.80 8.34
CA GLY A 535 -23.85 -3.14 7.21
C GLY A 535 -23.26 -3.49 5.86
N VAL A 536 -22.17 -4.25 5.89
CA VAL A 536 -21.51 -4.67 4.67
C VAL A 536 -21.81 -6.15 4.45
N GLU A 537 -21.46 -7.00 5.42
CA GLU A 537 -21.76 -8.43 5.37
CA GLU A 537 -21.81 -8.41 5.37
C GLU A 537 -22.18 -8.88 6.76
N ASP A 538 -23.22 -9.72 6.85
CA ASP A 538 -23.54 -10.29 8.15
C ASP A 538 -22.74 -11.60 8.22
N SER A 539 -21.50 -11.49 8.66
CA SER A 539 -20.52 -12.60 8.53
C SER A 539 -20.12 -13.17 9.89
N ARG A 540 -20.40 -12.44 10.96
CA ARG A 540 -19.89 -12.80 12.28
C ARG A 540 -20.76 -13.87 12.90
N THR A 541 -20.12 -14.78 13.60
CA THR A 541 -20.88 -15.80 14.32
C THR A 541 -21.29 -15.28 15.69
N THR A 542 -22.52 -15.59 16.05
CA THR A 542 -22.99 -15.33 17.40
C THR A 542 -22.55 -16.47 18.29
N ILE A 543 -22.01 -16.14 19.45
CA ILE A 543 -21.70 -17.13 20.47
C ILE A 543 -23.02 -17.48 21.14
N ILE A 544 -23.47 -18.70 20.92
CA ILE A 544 -24.77 -19.15 21.41
C ILE A 544 -24.61 -19.89 22.74
N LEU A 545 -25.12 -19.26 23.78
CA LEU A 545 -25.04 -19.79 25.12
C LEU A 545 -26.46 -20.01 25.63
N GLY A 546 -26.62 -20.91 26.57
CA GLY A 546 -27.94 -21.11 27.15
C GLY A 546 -27.84 -22.27 28.10
N GLU A 547 -28.67 -22.22 29.14
CA GLU A 547 -28.67 -23.25 30.18
C GLU A 547 -28.93 -24.63 29.59
N ASP A 548 -29.74 -24.67 28.54
CA ASP A 548 -30.11 -25.94 27.91
C ASP A 548 -29.26 -26.29 26.69
N ILE A 549 -28.15 -25.59 26.51
CA ILE A 549 -27.27 -25.89 25.36
C ILE A 549 -25.78 -25.80 25.67
N LEU A 550 -25.34 -24.71 26.28
CA LEU A 550 -23.90 -24.46 26.43
C LEU A 550 -23.72 -23.29 27.36
N PRO A 551 -23.13 -23.53 28.54
CA PRO A 551 -23.05 -22.37 29.42
C PRO A 551 -21.91 -21.39 29.19
N SER A 552 -20.85 -21.82 28.51
CA SER A 552 -19.73 -20.91 28.39
C SER A 552 -18.95 -21.20 27.12
N LYS A 553 -18.11 -20.23 26.76
CA LYS A 553 -17.33 -20.29 25.53
C LYS A 553 -15.94 -19.65 25.77
N HIS A 554 -14.89 -20.35 25.33
CA HIS A 554 -13.54 -19.76 25.31
C HIS A 554 -13.34 -18.93 24.03
N VAL A 555 -12.71 -17.77 24.24
CA VAL A 555 -12.24 -16.91 23.14
C VAL A 555 -10.76 -16.61 23.37
N VAL A 556 -10.03 -16.36 22.28
CA VAL A 556 -8.59 -16.14 22.37
C VAL A 556 -8.27 -14.91 21.53
N MET A 557 -7.49 -13.99 22.10
CA MET A 557 -6.97 -12.84 21.36
C MET A 557 -5.51 -13.01 21.05
N HIS A 558 -5.12 -12.64 19.83
CA HIS A 558 -3.71 -12.58 19.41
C HIS A 558 -3.28 -11.15 19.23
N ASN A 559 -2.04 -10.87 19.67
CA ASN A 559 -1.45 -9.56 19.51
C ASN A 559 -0.18 -9.65 18.68
N THR A 560 -0.23 -9.26 17.41
CA THR A 560 0.95 -9.44 16.56
C THR A 560 2.07 -8.44 16.87
N LEU A 561 1.76 -7.39 17.64
CA LEU A 561 2.77 -6.36 17.92
C LEU A 561 3.67 -6.81 19.07
N PRO A 562 4.94 -6.42 19.02
CA PRO A 562 5.91 -6.86 20.05
C PRO A 562 5.91 -6.03 21.33
N HIS A 563 4.74 -5.65 21.80
CA HIS A 563 4.66 -5.05 23.15
C HIS A 563 3.35 -5.51 23.74
N TRP A 564 3.27 -5.56 25.06
CA TRP A 564 1.99 -5.81 25.74
C TRP A 564 0.95 -4.80 25.24
N ARG A 565 -0.25 -5.32 25.00
CA ARG A 565 -1.27 -4.43 24.48
C ARG A 565 -2.61 -4.72 25.11
N GLU A 566 -3.29 -3.64 25.52
CA GLU A 566 -4.71 -3.74 25.83
C GLU A 566 -5.55 -3.12 24.73
N GLN A 567 -6.70 -3.71 24.46
CA GLN A 567 -7.62 -3.17 23.47
C GLN A 567 -8.98 -3.72 23.84
N LEU A 568 -10.00 -2.90 23.67
CA LEU A 568 -11.36 -3.43 23.82
C LEU A 568 -11.65 -4.37 22.66
N VAL A 569 -12.29 -5.47 22.99
CA VAL A 569 -12.74 -6.42 21.97
C VAL A 569 -14.22 -6.69 22.16
N ASP A 570 -14.92 -7.02 21.09
N ASP A 570 -14.92 -6.98 21.08
CA ASP A 570 -16.35 -7.28 21.21
CA ASP A 570 -16.31 -7.33 21.19
C ASP A 570 -16.74 -8.52 20.45
C ASP A 570 -16.61 -8.66 20.54
N PHE A 571 -17.69 -9.25 21.02
CA PHE A 571 -18.23 -10.46 20.42
C PHE A 571 -19.75 -10.35 20.43
N TYR A 572 -20.37 -11.02 19.48
CA TYR A 572 -21.82 -11.20 19.52
C TYR A 572 -22.15 -12.41 20.36
N VAL A 573 -23.13 -12.22 21.26
CA VAL A 573 -23.62 -13.29 22.15
C VAL A 573 -25.15 -13.35 22.11
N SER A 574 -25.68 -14.52 22.43
CA SER A 574 -27.13 -14.75 22.27
C SER A 574 -27.94 -14.33 23.50
N SER A 575 -27.27 -13.82 24.53
CA SER A 575 -27.90 -13.33 25.74
C SER A 575 -27.20 -12.07 26.22
N PRO A 576 -27.91 -11.15 26.85
CA PRO A 576 -27.24 -10.02 27.47
C PRO A 576 -26.59 -10.38 28.82
N PHE A 577 -26.93 -11.54 29.37
CA PHE A 577 -26.49 -11.87 30.70
C PHE A 577 -25.24 -12.74 30.61
N VAL A 578 -24.14 -12.07 30.23
CA VAL A 578 -22.86 -12.77 30.02
C VAL A 578 -21.77 -12.07 30.81
N SER A 579 -20.90 -12.85 31.42
CA SER A 579 -19.79 -12.28 32.13
C SER A 579 -18.51 -12.89 31.59
N VAL A 580 -17.43 -12.18 31.83
CA VAL A 580 -16.13 -12.51 31.28
C VAL A 580 -15.18 -12.79 32.43
N THR A 581 -14.36 -13.81 32.24
CA THR A 581 -13.29 -14.16 33.15
C THR A 581 -12.03 -14.43 32.31
N ASP A 582 -10.86 -14.26 32.92
CA ASP A 582 -9.61 -14.74 32.31
C ASP A 582 -9.43 -16.23 32.66
N LEU A 583 -8.35 -16.88 32.21
CA LEU A 583 -8.32 -18.31 32.52
C LEU A 583 -7.95 -18.59 33.98
N ALA A 584 -7.47 -17.58 34.71
CA ALA A 584 -7.32 -17.76 36.18
C ALA A 584 -8.66 -17.48 36.87
N ASN A 585 -9.72 -17.36 36.09
CA ASN A 585 -11.07 -17.18 36.62
C ASN A 585 -11.28 -15.84 37.33
N ASN A 586 -10.40 -14.88 37.05
CA ASN A 586 -10.52 -13.51 37.55
C ASN A 586 -11.62 -12.84 36.72
N PRO A 587 -12.61 -12.23 37.37
CA PRO A 587 -13.59 -11.45 36.59
C PRO A 587 -12.94 -10.33 35.79
N VAL A 588 -13.52 -10.03 34.62
CA VAL A 588 -13.05 -8.97 33.78
C VAL A 588 -14.30 -8.09 33.56
N GLU A 589 -14.15 -6.78 33.75
CA GLU A 589 -15.25 -5.84 33.56
C GLU A 589 -15.73 -5.87 32.11
N ALA A 590 -17.03 -5.97 31.89
CA ALA A 590 -17.56 -6.02 30.53
C ALA A 590 -18.71 -5.04 30.39
N GLN A 591 -19.02 -4.71 29.15
CA GLN A 591 -20.18 -3.90 28.82
C GLN A 591 -20.97 -4.63 27.75
N VAL A 592 -22.30 -4.65 27.88
CA VAL A 592 -23.16 -5.18 26.83
C VAL A 592 -23.92 -4.03 26.18
N SER A 593 -23.96 -4.01 24.85
CA SER A 593 -24.68 -3.03 24.04
C SER A 593 -25.54 -3.81 23.05
N PRO A 594 -26.55 -3.16 22.49
CA PRO A 594 -27.32 -3.87 21.48
C PRO A 594 -26.57 -4.03 20.19
N VAL A 595 -27.10 -4.87 19.30
CA VAL A 595 -26.61 -4.93 17.94
C VAL A 595 -27.53 -4.08 17.08
N TRP A 596 -27.02 -2.96 16.60
CA TRP A 596 -27.76 -2.01 15.79
C TRP A 596 -27.39 -2.13 14.32
N SER A 597 -28.40 -2.20 13.47
CA SER A 597 -28.19 -2.19 12.03
C SER A 597 -29.01 -1.06 11.43
N TRP A 598 -28.46 -0.39 10.43
CA TRP A 598 -29.13 0.73 9.82
C TRP A 598 -29.80 0.31 8.54
N HIS A 599 -30.99 0.85 8.33
CA HIS A 599 -31.78 0.43 7.19
C HIS A 599 -32.29 1.63 6.46
N HIS A 600 -32.15 1.63 5.15
CA HIS A 600 -32.82 2.65 4.39
C HIS A 600 -34.22 2.14 4.21
N ASP A 601 -35.13 2.82 4.89
CA ASP A 601 -36.51 2.43 4.93
C ASP A 601 -37.15 3.01 3.67
N THR A 602 -37.41 2.17 2.68
CA THR A 602 -37.99 2.62 1.40
C THR A 602 -39.45 3.02 1.53
N LEU A 603 -40.08 2.69 2.66
CA LEU A 603 -41.44 3.12 2.94
C LEU A 603 -41.49 4.49 3.59
N THR A 604 -40.78 4.67 4.73
CA THR A 604 -40.77 5.96 5.41
C THR A 604 -39.80 6.96 4.81
N LYS A 605 -38.91 6.47 3.94
CA LYS A 605 -37.90 7.32 3.28
C LYS A 605 -36.97 7.95 4.31
N THR A 606 -36.57 7.13 5.29
CA THR A 606 -35.60 7.57 6.29
C THR A 606 -34.60 6.46 6.45
N ILE A 607 -33.46 6.82 7.02
CA ILE A 607 -32.40 5.86 7.32
C ILE A 607 -32.34 5.77 8.84
N HIS A 608 -32.62 4.60 9.39
CA HIS A 608 -32.77 4.52 10.83
C HIS A 608 -32.33 3.15 11.34
N PRO A 609 -31.97 3.08 12.63
CA PRO A 609 -31.42 1.87 13.17
C PRO A 609 -32.46 0.95 13.77
N GLN A 610 -32.21 -0.33 13.57
CA GLN A 610 -33.03 -1.37 14.15
C GLN A 610 -32.16 -2.17 15.09
N GLY A 611 -32.71 -2.55 16.24
CA GLY A 611 -31.96 -3.34 17.22
C GLY A 611 -32.32 -4.80 17.17
N SER A 612 -31.34 -5.66 17.36
CA SER A 612 -31.61 -7.10 17.45
C SER A 612 -32.32 -7.42 18.77
N THR A 613 -33.25 -8.36 18.72
CA THR A 613 -33.83 -8.82 19.98
C THR A 613 -33.28 -10.22 20.32
N THR A 614 -32.33 -10.70 19.51
CA THR A 614 -31.74 -12.04 19.63
C THR A 614 -30.23 -12.12 19.89
N LYS A 615 -29.50 -11.06 19.57
CA LYS A 615 -28.05 -11.04 19.80
C LYS A 615 -27.67 -9.68 20.33
N TYR A 616 -26.57 -9.67 21.05
CA TYR A 616 -26.07 -8.51 21.79
C TYR A 616 -24.58 -8.49 21.63
N ARG A 617 -23.98 -7.32 21.85
CA ARG A 617 -22.52 -7.18 21.80
C ARG A 617 -21.98 -7.17 23.20
N ILE A 618 -21.00 -8.02 23.51
CA ILE A 618 -20.29 -7.92 24.77
C ILE A 618 -18.90 -7.36 24.47
N ILE A 619 -18.45 -6.41 25.28
CA ILE A 619 -17.22 -5.67 25.07
C ILE A 619 -16.40 -5.75 26.35
N PHE A 620 -15.11 -6.01 26.24
CA PHE A 620 -14.25 -6.01 27.42
C PHE A 620 -12.83 -5.73 26.98
N LYS A 621 -12.00 -5.39 27.95
CA LYS A 621 -10.63 -5.07 27.63
C LYS A 621 -9.78 -6.33 27.68
N ALA A 622 -9.24 -6.73 26.52
CA ALA A 622 -8.28 -7.83 26.49
C ALA A 622 -6.86 -7.30 26.70
N ARG A 623 -6.05 -8.05 27.45
CA ARG A 623 -4.65 -7.71 27.65
C ARG A 623 -3.82 -8.88 27.19
N VAL A 624 -2.95 -8.60 26.22
CA VAL A 624 -2.31 -9.67 25.45
C VAL A 624 -0.79 -9.48 25.40
N PRO A 625 -0.03 -10.57 25.62
CA PRO A 625 1.44 -10.43 25.63
C PRO A 625 1.98 -9.97 24.27
N PRO A 626 3.24 -9.53 24.24
CA PRO A 626 3.88 -9.19 22.97
C PRO A 626 3.88 -10.44 22.08
N MET A 627 3.44 -10.29 20.82
CA MET A 627 3.45 -11.41 19.85
C MET A 627 2.86 -12.66 20.47
N GLY A 628 1.77 -12.44 21.21
CA GLY A 628 1.23 -13.48 22.08
C GLY A 628 -0.27 -13.70 22.04
N LEU A 629 -0.75 -14.56 22.95
CA LEU A 629 -2.17 -14.95 22.99
C LEU A 629 -2.67 -14.87 24.40
N ALA A 630 -3.95 -14.54 24.52
CA ALA A 630 -4.61 -14.54 25.84
C ALA A 630 -5.99 -15.12 25.71
N THR A 631 -6.36 -15.97 26.65
CA THR A 631 -7.63 -16.70 26.60
C THR A 631 -8.60 -16.14 27.64
N TYR A 632 -9.85 -15.97 27.23
CA TYR A 632 -10.91 -15.53 28.12
C TYR A 632 -12.10 -16.47 27.97
N VAL A 633 -13.00 -16.39 28.96
CA VAL A 633 -14.19 -17.24 28.97
C VAL A 633 -15.43 -16.35 29.12
N LEU A 634 -16.41 -16.61 28.28
CA LEU A 634 -17.70 -15.91 28.35
C LEU A 634 -18.70 -16.91 28.93
N THR A 635 -19.40 -16.51 30.01
CA THR A 635 -20.33 -17.41 30.71
C THR A 635 -21.70 -16.75 30.84
N ILE A 636 -22.73 -17.53 30.52
CA ILE A 636 -24.09 -17.02 30.65
C ILE A 636 -24.55 -17.17 32.10
N SER A 637 -25.42 -16.25 32.53
CA SER A 637 -26.10 -16.44 33.81
C SER A 637 -27.58 -16.11 33.63
N ASP A 638 -28.38 -16.38 34.66
CA ASP A 638 -29.83 -16.14 34.61
C ASP A 638 -30.20 -14.65 34.56
N SER A 639 -29.36 -13.82 35.18
CA SER A 639 -29.65 -12.40 35.33
C SER A 639 -28.37 -11.58 35.23
N LYS A 640 -28.51 -10.25 35.32
CA LYS A 640 -27.36 -9.32 35.20
C LYS A 640 -26.20 -9.74 36.09
N PRO A 641 -25.05 -10.09 35.47
CA PRO A 641 -23.83 -10.42 36.16
C PRO A 641 -23.23 -9.24 36.91
N GLU A 642 -22.53 -9.51 37.99
CA GLU A 642 -21.86 -8.45 38.78
C GLU A 642 -20.94 -7.52 38.00
N HIS A 643 -20.16 -8.07 37.08
CA HIS A 643 -19.09 -7.31 36.43
C HIS A 643 -19.41 -6.91 34.99
N THR A 644 -20.67 -6.98 34.64
CA THR A 644 -21.14 -6.57 33.31
C THR A 644 -22.13 -5.45 33.51
N SER A 645 -21.93 -4.35 32.79
CA SER A 645 -22.82 -3.22 32.76
C SER A 645 -23.50 -3.16 31.40
N TYR A 646 -24.54 -2.34 31.29
CA TYR A 646 -25.35 -2.24 30.09
C TYR A 646 -25.38 -0.80 29.63
N ALA A 647 -25.16 -0.58 28.33
CA ALA A 647 -25.20 0.76 27.79
C ALA A 647 -26.61 1.31 27.77
N SER A 648 -26.73 2.63 27.91
CA SER A 648 -28.00 3.24 27.57
C SER A 648 -28.03 3.56 26.08
N ASN A 649 -29.21 3.76 25.54
CA ASN A 649 -29.38 4.07 24.13
C ASN A 649 -30.42 5.14 23.96
N LEU A 650 -30.12 6.15 23.15
CA LEU A 650 -31.00 7.29 22.95
C LEU A 650 -31.11 7.51 21.45
N LEU A 651 -32.32 7.42 20.91
CA LEU A 651 -32.58 7.63 19.53
C LEU A 651 -33.16 9.02 19.33
N LEU A 652 -32.46 9.87 18.58
CA LEU A 652 -32.85 11.26 18.40
C LEU A 652 -33.44 11.41 17.02
N ARG A 653 -34.74 11.65 16.97
CA ARG A 653 -35.47 11.85 15.72
C ARG A 653 -36.83 12.36 16.11
N LYS A 654 -37.41 13.13 15.21
CA LYS A 654 -38.83 13.41 15.28
C LYS A 654 -39.59 12.14 14.85
N ASN A 655 -40.80 11.98 15.35
CA ASN A 655 -41.65 10.87 14.92
C ASN A 655 -41.01 9.49 15.22
N PRO A 656 -40.57 9.28 16.47
CA PRO A 656 -39.93 8.00 16.74
C PRO A 656 -41.00 6.92 16.87
N THR A 657 -40.57 5.70 16.62
CA THR A 657 -41.39 4.55 16.96
C THR A 657 -40.57 3.69 17.91
N SER A 658 -41.25 2.79 18.61
CA SER A 658 -40.65 1.95 19.63
C SER A 658 -39.47 1.11 19.09
N LEU A 659 -38.57 0.74 20.01
CA LEU A 659 -37.37 -0.04 19.66
C LEU A 659 -37.12 -1.10 20.74
N PRO A 660 -37.86 -2.22 20.66
CA PRO A 660 -37.70 -3.30 21.62
C PRO A 660 -36.35 -3.99 21.41
N LEU A 661 -35.79 -4.49 22.51
CA LEU A 661 -34.46 -5.08 22.45
C LEU A 661 -34.41 -6.46 23.14
N GLY A 662 -35.54 -7.16 23.17
CA GLY A 662 -35.59 -8.49 23.84
C GLY A 662 -35.21 -8.41 25.30
N GLN A 663 -34.26 -9.27 25.69
CA GLN A 663 -33.82 -9.34 27.09
C GLN A 663 -32.95 -8.19 27.55
N TYR A 664 -32.50 -7.34 26.62
CA TYR A 664 -31.64 -6.22 26.99
C TYR A 664 -32.27 -5.40 28.12
N PRO A 665 -31.57 -5.25 29.26
CA PRO A 665 -32.20 -4.69 30.48
C PRO A 665 -32.49 -3.19 30.54
N GLU A 666 -32.08 -2.41 29.54
CA GLU A 666 -32.26 -0.96 29.58
C GLU A 666 -33.14 -0.60 28.39
N ASP A 667 -34.25 0.09 28.67
CA ASP A 667 -35.14 0.51 27.59
C ASP A 667 -34.53 1.66 26.77
N VAL A 668 -34.68 1.59 25.46
CA VAL A 668 -34.24 2.70 24.57
C VAL A 668 -35.02 3.94 24.92
N LYS A 669 -34.35 5.08 24.96
CA LYS A 669 -34.96 6.42 25.15
C LYS A 669 -35.01 7.17 23.82
N PHE A 670 -35.95 8.13 23.71
CA PHE A 670 -36.18 8.87 22.48
C PHE A 670 -36.17 10.35 22.79
N GLY A 671 -35.85 11.17 21.80
CA GLY A 671 -35.79 12.62 21.95
C GLY A 671 -35.78 13.27 20.61
N ASP A 672 -36.14 14.55 20.58
CA ASP A 672 -35.96 15.30 19.35
C ASP A 672 -34.44 15.53 19.17
N PRO A 673 -33.99 15.71 17.90
CA PRO A 673 -32.58 16.04 17.65
C PRO A 673 -32.11 17.18 18.54
N ARG A 674 -30.91 17.04 19.07
CA ARG A 674 -30.33 18.04 19.97
C ARG A 674 -28.83 17.84 20.01
N GLU A 675 -28.11 18.89 20.38
CA GLU A 675 -26.69 18.74 20.62
C GLU A 675 -26.41 17.81 21.80
N ILE A 676 -25.33 17.05 21.73
CA ILE A 676 -25.00 16.14 22.81
C ILE A 676 -23.49 16.17 23.07
N SER A 677 -23.10 15.81 24.28
CA SER A 677 -21.72 15.70 24.69
C SER A 677 -21.51 14.37 25.38
N LEU A 678 -20.34 13.74 25.15
CA LEU A 678 -20.03 12.45 25.71
C LEU A 678 -18.58 12.46 26.19
N ARG A 679 -18.34 11.70 27.24
CA ARG A 679 -17.00 11.46 27.75
C ARG A 679 -16.91 10.03 28.27
N VAL A 680 -15.97 9.27 27.75
CA VAL A 680 -15.68 7.96 28.26
C VAL A 680 -14.36 7.98 29.03
N GLY A 681 -14.39 7.37 30.21
CA GLY A 681 -13.21 7.32 31.11
C GLY A 681 -12.71 8.72 31.44
N ASN A 682 -11.39 8.87 31.40
CA ASN A 682 -10.72 10.15 31.61
C ASN A 682 -10.31 10.74 30.27
N GLY A 683 -10.97 10.28 29.22
CA GLY A 683 -10.58 10.62 27.86
C GLY A 683 -11.13 11.98 27.52
N PRO A 684 -11.09 12.34 26.23
CA PRO A 684 -11.62 13.64 25.81
C PRO A 684 -13.16 13.72 25.93
N THR A 685 -13.67 14.94 25.98
CA THR A 685 -15.12 15.17 25.92
C THR A 685 -15.43 15.66 24.52
N LEU A 686 -16.35 14.98 23.84
CA LEU A 686 -16.65 15.31 22.48
C LEU A 686 -18.06 15.87 22.43
N ALA A 687 -18.24 16.94 21.67
CA ALA A 687 -19.55 17.53 21.48
C ALA A 687 -20.00 17.33 20.04
N PHE A 688 -21.28 17.06 19.86
CA PHE A 688 -21.83 16.78 18.55
C PHE A 688 -22.96 17.71 18.23
N SER A 689 -23.13 18.02 16.97
CA SER A 689 -24.29 18.80 16.49
C SER A 689 -25.55 17.95 16.59
N GLU A 690 -26.68 18.62 16.43
CA GLU A 690 -27.94 17.88 16.32
C GLU A 690 -28.04 16.93 15.11
N GLN A 691 -27.10 17.04 14.17
CA GLN A 691 -26.99 16.11 13.03
C GLN A 691 -26.03 14.96 13.31
N GLY A 692 -25.55 14.87 14.54
CA GLY A 692 -24.72 13.72 14.95
C GLY A 692 -23.28 13.82 14.47
N LEU A 693 -22.81 15.03 14.15
CA LEU A 693 -21.45 15.24 13.65
C LEU A 693 -20.66 15.97 14.69
N LEU A 694 -19.41 15.55 14.86
CA LEU A 694 -18.51 16.22 15.76
C LEU A 694 -18.43 17.72 15.52
N LYS A 695 -18.47 18.48 16.62
CA LYS A 695 -18.24 19.91 16.54
C LYS A 695 -17.09 20.38 17.41
N SER A 696 -16.74 19.66 18.46
CA SER A 696 -15.61 20.06 19.31
C SER A 696 -15.03 18.91 20.12
N ILE A 697 -13.76 19.08 20.52
CA ILE A 697 -13.05 18.13 21.36
C ILE A 697 -12.43 18.88 22.52
N GLN A 698 -12.64 18.39 23.73
CA GLN A 698 -12.05 18.97 24.93
C GLN A 698 -11.16 17.91 25.51
N LEU A 699 -9.84 18.12 25.48
CA LEU A 699 -8.91 17.07 25.89
C LEU A 699 -8.98 16.68 27.38
N THR A 700 -9.09 17.70 28.24
CA THR A 700 -9.13 17.48 29.69
C THR A 700 -10.26 18.30 30.28
N GLN A 701 -10.68 17.98 31.50
CA GLN A 701 -11.85 18.65 32.09
C GLN A 701 -11.64 20.15 32.24
N ASP A 702 -10.39 20.55 32.50
CA ASP A 702 -10.04 21.97 32.61
C ASP A 702 -9.82 22.66 31.26
N SER A 703 -9.47 21.89 30.22
CA SER A 703 -9.06 22.47 28.93
C SER A 703 -10.22 23.01 28.09
N PRO A 704 -9.90 23.76 27.00
CA PRO A 704 -10.89 24.34 26.07
C PRO A 704 -11.64 23.34 25.17
N HIS A 705 -12.85 23.73 24.73
CA HIS A 705 -13.58 22.98 23.69
C HIS A 705 -13.10 23.42 22.32
N VAL A 706 -12.15 22.65 21.78
CA VAL A 706 -11.54 23.00 20.51
C VAL A 706 -12.47 22.70 19.31
N PRO A 707 -12.80 23.69 18.47
CA PRO A 707 -13.62 23.43 17.29
C PRO A 707 -12.96 22.42 16.35
N VAL A 708 -13.66 21.32 16.12
CA VAL A 708 -13.24 20.27 15.19
C VAL A 708 -14.57 19.80 14.62
N HIS A 709 -14.83 20.14 13.37
N HIS A 709 -14.88 20.17 13.39
CA HIS A 709 -16.16 19.90 12.76
CA HIS A 709 -16.19 19.82 12.84
C HIS A 709 -16.10 18.92 11.58
C HIS A 709 -16.01 18.86 11.68
N PHE A 710 -16.78 17.77 11.70
CA PHE A 710 -16.91 16.88 10.55
C PHE A 710 -18.02 17.37 9.61
N LYS A 711 -17.78 17.26 8.34
CA LYS A 711 -18.75 17.66 7.33
C LYS A 711 -18.59 16.74 6.15
N PHE A 712 -19.68 16.39 5.49
CA PHE A 712 -19.66 15.64 4.27
C PHE A 712 -20.04 16.52 3.09
N LEU A 713 -19.29 16.43 2.01
CA LEU A 713 -19.52 17.24 0.81
C LEU A 713 -19.44 16.36 -0.42
N LYS A 714 -19.82 16.87 -1.57
CA LYS A 714 -19.72 16.13 -2.79
C LYS A 714 -19.05 16.93 -3.87
N TYR A 715 -18.19 16.26 -4.64
CA TYR A 715 -17.68 16.80 -5.87
C TYR A 715 -18.45 16.18 -7.03
N GLY A 716 -18.55 16.92 -8.12
CA GLY A 716 -19.20 16.43 -9.33
C GLY A 716 -18.18 16.27 -10.45
N VAL A 717 -18.70 16.20 -11.67
CA VAL A 717 -17.92 15.96 -12.87
C VAL A 717 -18.24 17.10 -13.85
N ARG A 718 -17.29 17.42 -14.70
CA ARG A 718 -17.42 18.53 -15.66
C ARG A 718 -18.37 18.15 -16.76
N SER A 719 -19.20 19.09 -17.17
CA SER A 719 -20.15 18.83 -18.25
C SER A 719 -19.47 19.09 -19.61
N HIS A 720 -18.43 19.92 -19.59
CA HIS A 720 -17.57 20.13 -20.75
C HIS A 720 -16.12 19.75 -20.48
N GLY A 721 -15.43 19.35 -21.52
CA GLY A 721 -14.03 18.97 -21.40
C GLY A 721 -13.88 17.60 -20.77
N ASP A 722 -12.75 17.41 -20.11
CA ASP A 722 -12.34 16.06 -19.73
C ASP A 722 -13.11 15.61 -18.49
N ARG A 723 -13.51 14.33 -18.51
CA ARG A 723 -14.29 13.77 -17.43
C ARG A 723 -13.43 12.95 -16.48
N SER A 724 -13.72 13.06 -15.19
CA SER A 724 -13.17 12.16 -14.18
C SER A 724 -13.48 10.71 -14.54
N GLY A 725 -12.57 9.82 -14.17
CA GLY A 725 -12.77 8.38 -14.36
C GLY A 725 -11.92 7.69 -13.30
N ALA A 726 -11.61 6.40 -13.52
CA ALA A 726 -10.90 5.64 -12.48
C ALA A 726 -9.54 6.20 -12.12
N TYR A 727 -8.89 6.84 -13.08
CA TYR A 727 -7.54 7.45 -12.84
C TYR A 727 -7.61 8.92 -12.43
N LEU A 728 -8.37 9.69 -13.22
CA LEU A 728 -8.33 11.17 -13.12
C LEU A 728 -9.42 11.75 -12.22
N PHE A 729 -9.06 12.76 -11.43
CA PHE A 729 -9.99 13.51 -10.65
C PHE A 729 -10.08 14.89 -11.29
N LEU A 730 -11.23 15.17 -11.90
CA LEU A 730 -11.44 16.44 -12.64
C LEU A 730 -12.70 17.09 -12.11
N PRO A 731 -12.64 17.60 -10.89
CA PRO A 731 -13.89 18.12 -10.30
C PRO A 731 -14.42 19.34 -11.01
N ASN A 732 -15.74 19.53 -10.90
CA ASN A 732 -16.37 20.72 -11.47
C ASN A 732 -16.42 21.78 -10.39
N GLY A 733 -15.27 22.13 -9.82
CA GLY A 733 -15.19 23.12 -8.77
C GLY A 733 -15.09 22.53 -7.36
N PRO A 734 -14.93 23.39 -6.35
CA PRO A 734 -14.94 22.95 -4.96
C PRO A 734 -16.21 22.20 -4.61
N ALA A 735 -16.09 21.32 -3.62
CA ALA A 735 -17.20 20.49 -3.19
C ALA A 735 -18.35 21.32 -2.62
N SER A 736 -19.54 20.74 -2.73
CA SER A 736 -20.79 21.33 -2.23
C SER A 736 -21.27 20.47 -1.06
N PRO A 737 -21.81 21.10 0.01
CA PRO A 737 -22.26 20.27 1.14
C PRO A 737 -23.33 19.24 0.73
N VAL A 738 -23.22 18.03 1.28
CA VAL A 738 -24.32 17.08 1.18
C VAL A 738 -25.52 17.64 1.97
N GLU A 739 -26.69 17.64 1.34
CA GLU A 739 -27.89 18.08 2.03
C GLU A 739 -28.31 16.99 3.00
N LEU A 740 -28.33 17.28 4.29
CA LEU A 740 -28.47 16.23 5.33
C LEU A 740 -29.89 15.92 5.75
N GLY A 741 -30.81 16.86 5.51
CA GLY A 741 -32.18 16.68 5.97
C GLY A 741 -32.21 16.74 7.49
N GLN A 742 -33.06 15.93 8.11
CA GLN A 742 -33.07 15.82 9.57
C GLN A 742 -32.71 14.37 9.91
N PRO A 743 -31.40 14.07 9.93
CA PRO A 743 -31.05 12.67 10.05
C PRO A 743 -31.30 12.08 11.44
N VAL A 744 -31.45 10.75 11.47
CA VAL A 744 -31.66 10.04 12.71
C VAL A 744 -30.31 9.79 13.38
N VAL A 745 -30.21 10.13 14.67
CA VAL A 745 -28.97 10.02 15.43
C VAL A 745 -29.15 9.05 16.57
N LEU A 746 -28.23 8.09 16.70
CA LEU A 746 -28.29 7.12 17.75
C LEU A 746 -27.12 7.31 18.71
N VAL A 747 -27.39 7.48 19.99
CA VAL A 747 -26.37 7.70 21.00
C VAL A 747 -26.36 6.51 21.93
N THR A 748 -25.25 5.79 22.03
CA THR A 748 -25.11 4.71 22.95
C THR A 748 -24.10 5.13 23.99
N LYS A 749 -24.43 5.04 25.27
CA LYS A 749 -23.53 5.52 26.33
C LYS A 749 -23.25 4.39 27.28
N GLY A 750 -21.97 4.05 27.41
CA GLY A 750 -21.55 2.96 28.24
C GLY A 750 -20.30 3.32 29.01
N LYS A 751 -20.02 2.48 30.00
CA LYS A 751 -18.89 2.72 30.86
C LYS A 751 -17.59 2.51 30.08
N LEU A 752 -17.59 1.51 29.18
CA LEU A 752 -16.35 1.17 28.43
C LEU A 752 -16.33 1.76 27.03
N GLU A 753 -17.49 1.96 26.44
CA GLU A 753 -17.56 2.40 25.05
C GLU A 753 -18.86 3.15 24.84
N SER A 754 -18.76 4.31 24.23
CA SER A 754 -19.90 5.11 23.83
C SER A 754 -19.79 5.43 22.38
N SER A 755 -20.90 5.80 21.75
CA SER A 755 -20.88 6.15 20.34
C SER A 755 -22.02 7.06 19.93
N VAL A 756 -21.79 7.81 18.88
CA VAL A 756 -22.82 8.57 18.21
C VAL A 756 -22.83 8.11 16.76
N SER A 757 -23.96 7.65 16.24
CA SER A 757 -24.06 7.19 14.87
C SER A 757 -25.18 7.93 14.18
N VAL A 758 -25.01 8.33 12.95
CA VAL A 758 -26.04 9.07 12.21
C VAL A 758 -26.18 8.53 10.80
N GLY A 759 -27.41 8.41 10.35
CA GLY A 759 -27.69 7.87 9.03
C GLY A 759 -27.79 9.04 8.07
N LEU A 760 -26.69 9.37 7.40
CA LEU A 760 -26.66 10.45 6.42
C LEU A 760 -26.88 9.89 5.05
N PRO A 761 -27.20 10.75 4.08
CA PRO A 761 -27.28 10.22 2.72
C PRO A 761 -25.91 9.66 2.31
N SER A 762 -25.94 8.39 1.92
CA SER A 762 -24.79 7.61 1.47
C SER A 762 -23.81 7.22 2.55
N VAL A 763 -23.98 7.66 3.78
CA VAL A 763 -22.99 7.34 4.81
C VAL A 763 -23.63 7.15 6.15
N VAL A 764 -23.43 5.99 6.77
CA VAL A 764 -23.73 5.89 8.18
C VAL A 764 -22.42 6.24 8.88
N HIS A 765 -22.40 7.36 9.59
CA HIS A 765 -21.19 7.94 10.18
C HIS A 765 -21.23 7.69 11.65
N GLN A 766 -20.16 7.15 12.20
N GLN A 766 -20.15 7.18 12.20
CA GLN A 766 -20.15 6.74 13.60
CA GLN A 766 -20.14 6.74 13.58
C GLN A 766 -18.89 7.26 14.26
C GLN A 766 -18.88 7.24 14.27
N THR A 767 -19.03 7.87 15.43
CA THR A 767 -17.91 8.28 16.26
C THR A 767 -17.94 7.45 17.51
N ILE A 768 -16.90 6.68 17.76
CA ILE A 768 -16.82 5.74 18.86
C ILE A 768 -15.75 6.14 19.84
N MET A 769 -16.07 6.10 21.13
CA MET A 769 -15.21 6.61 22.20
C MET A 769 -14.96 5.49 23.17
N ARG A 770 -13.69 5.21 23.43
CA ARG A 770 -13.31 4.18 24.36
C ARG A 770 -12.34 4.75 25.39
N GLY A 771 -12.22 6.07 25.44
CA GLY A 771 -11.42 6.70 26.48
C GLY A 771 -10.14 7.30 26.01
N GLY A 772 -9.83 7.10 24.72
CA GLY A 772 -8.75 7.87 24.06
C GLY A 772 -9.27 8.63 22.84
N ALA A 773 -8.40 8.83 21.85
CA ALA A 773 -8.81 9.38 20.57
C ALA A 773 -9.99 8.58 19.99
N PRO A 774 -11.00 9.29 19.51
CA PRO A 774 -12.13 8.52 18.98
C PRO A 774 -11.77 7.71 17.72
N GLU A 775 -12.56 6.69 17.48
CA GLU A 775 -12.54 5.93 16.24
C GLU A 775 -13.72 6.39 15.43
N ILE A 776 -13.51 6.66 14.16
CA ILE A 776 -14.58 7.02 13.24
C ILE A 776 -14.79 5.87 12.27
N ARG A 777 -16.03 5.47 12.08
CA ARG A 777 -16.38 4.47 11.04
C ARG A 777 -17.41 5.05 10.12
N ASN A 778 -17.19 4.92 8.82
CA ASN A 778 -18.18 5.33 7.84
C ASN A 778 -18.60 4.14 7.05
N LEU A 779 -19.90 3.81 7.08
CA LEU A 779 -20.41 2.79 6.17
C LEU A 779 -20.88 3.54 4.94
N VAL A 780 -20.11 3.44 3.85
CA VAL A 780 -20.29 4.31 2.70
C VAL A 780 -20.98 3.52 1.59
N ASP A 781 -22.18 3.96 1.21
CA ASP A 781 -22.91 3.36 0.10
C ASP A 781 -23.38 4.44 -0.83
N ILE A 782 -22.58 4.72 -1.84
CA ILE A 782 -22.83 5.83 -2.76
C ILE A 782 -24.00 5.46 -3.66
N GLY A 783 -24.46 4.22 -3.57
CA GLY A 783 -25.76 3.85 -4.16
C GLY A 783 -25.70 4.12 -5.65
N SER A 784 -26.73 4.82 -6.14
CA SER A 784 -26.83 5.12 -7.57
C SER A 784 -26.51 6.59 -7.92
N LEU A 785 -25.79 7.27 -7.01
CA LEU A 785 -25.40 8.66 -7.26
C LEU A 785 -24.33 8.81 -8.32
N ASP A 786 -24.74 8.87 -9.60
CA ASP A 786 -23.76 8.96 -10.67
C ASP A 786 -22.99 10.28 -10.62
N ASN A 787 -21.75 10.20 -11.09
CA ASN A 787 -20.88 11.36 -11.21
C ASN A 787 -20.76 12.15 -9.92
N THR A 788 -20.47 11.42 -8.85
CA THR A 788 -20.38 12.00 -7.52
C THR A 788 -19.16 11.44 -6.79
N GLU A 789 -18.43 12.30 -6.11
CA GLU A 789 -17.38 11.82 -5.20
C GLU A 789 -17.75 12.38 -3.83
N ILE A 790 -17.84 11.53 -2.82
CA ILE A 790 -18.21 11.95 -1.50
C ILE A 790 -16.94 12.15 -0.68
N VAL A 791 -16.79 13.31 -0.07
CA VAL A 791 -15.62 13.66 0.72
C VAL A 791 -16.03 13.88 2.15
N MET A 792 -15.18 13.46 3.06
CA MET A 792 -15.31 13.75 4.48
C MET A 792 -14.29 14.84 4.82
N ARG A 793 -14.74 15.97 5.34
CA ARG A 793 -13.86 17.10 5.67
C ARG A 793 -13.91 17.37 7.14
N LEU A 794 -12.78 17.76 7.70
CA LEU A 794 -12.63 18.28 9.07
C LEU A 794 -12.31 19.77 8.96
N GLU A 795 -13.08 20.58 9.68
CA GLU A 795 -12.83 22.03 9.73
C GLU A 795 -12.37 22.40 11.12
N THR A 796 -11.24 23.11 11.22
CA THR A 796 -10.71 23.47 12.50
C THR A 796 -10.22 24.94 12.44
N HIS A 797 -9.73 25.38 13.63
N HIS A 797 -9.79 25.50 13.55
CA HIS A 797 -9.06 26.67 13.93
CA HIS A 797 -9.23 26.82 13.34
C HIS A 797 -7.57 26.63 13.95
C HIS A 797 -7.68 26.76 13.44
N ILE A 798 -7.06 25.54 13.41
CA ILE A 798 -5.61 25.36 13.42
C ILE A 798 -5.03 26.19 12.30
N ASP A 799 -4.00 26.98 12.65
CA ASP A 799 -3.42 27.91 11.71
C ASP A 799 -2.30 27.24 10.88
N SER A 800 -2.75 26.29 10.08
CA SER A 800 -1.86 25.50 9.27
C SER A 800 -1.44 26.19 7.98
N GLY A 801 -2.18 27.21 7.52
CA GLY A 801 -1.78 27.92 6.34
C GLY A 801 -1.94 27.07 5.10
N ASP A 802 -0.84 26.86 4.40
CA ASP A 802 -0.83 26.02 3.20
C ASP A 802 -0.11 24.70 3.39
N ILE A 803 0.21 24.36 4.62
CA ILE A 803 0.99 23.16 4.91
C ILE A 803 0.13 22.06 5.48
N PHE A 804 0.42 20.83 5.03
CA PHE A 804 -0.17 19.66 5.62
C PHE A 804 0.76 18.50 5.40
N TYR A 805 0.48 17.39 6.04
CA TYR A 805 1.37 16.22 5.96
C TYR A 805 0.55 15.00 5.59
N THR A 806 1.10 14.17 4.72
CA THR A 806 0.46 12.91 4.34
C THR A 806 1.54 11.86 4.36
N ASP A 807 1.17 10.61 4.50
CA ASP A 807 2.18 9.55 4.51
C ASP A 807 2.43 8.95 3.16
N LEU A 808 3.59 8.31 3.07
CA LEU A 808 3.94 7.53 1.89
C LEU A 808 4.04 6.08 2.30
N ASN A 809 3.13 5.27 1.77
CA ASN A 809 3.13 3.81 1.96
C ASN A 809 3.14 3.36 3.41
N GLY A 810 2.61 4.18 4.33
CA GLY A 810 2.58 3.74 5.73
C GLY A 810 3.95 3.77 6.39
N LEU A 811 4.92 4.39 5.72
CA LEU A 811 6.34 4.35 6.16
C LEU A 811 6.83 5.69 6.74
N GLN A 812 6.40 6.79 6.14
CA GLN A 812 6.99 8.09 6.45
C GLN A 812 5.96 9.16 6.17
N PHE A 813 6.06 10.28 6.87
CA PHE A 813 5.18 11.44 6.62
C PHE A 813 5.94 12.51 5.90
N ILE A 814 5.39 13.00 4.82
CA ILE A 814 6.06 13.99 3.99
C ILE A 814 5.27 15.30 4.03
N LYS A 815 5.99 16.41 4.15
CA LYS A 815 5.38 17.73 4.10
C LYS A 815 4.84 18.01 2.72
N ARG A 816 3.59 18.48 2.70
CA ARG A 816 2.93 18.96 1.52
C ARG A 816 2.67 20.46 1.64
N ARG A 817 2.69 21.13 0.50
CA ARG A 817 2.28 22.53 0.47
C ARG A 817 1.23 22.66 -0.59
N ARG A 818 0.04 23.13 -0.16
CA ARG A 818 -1.03 23.43 -1.08
CA ARG A 818 -1.02 23.40 -1.11
C ARG A 818 -0.56 24.53 -2.01
N LEU A 819 -0.78 24.37 -3.32
CA LEU A 819 -0.35 25.36 -4.31
C LEU A 819 -1.56 25.83 -5.09
N ASP A 820 -1.89 27.09 -4.85
CA ASP A 820 -3.02 27.66 -5.52
C ASP A 820 -2.72 27.88 -7.01
N LYS A 821 -1.44 27.81 -7.41
CA LYS A 821 -1.09 27.89 -8.84
C LYS A 821 -1.43 26.59 -9.58
N LEU A 822 -1.78 25.54 -8.82
CA LEU A 822 -2.21 24.27 -9.41
C LEU A 822 -3.70 24.08 -9.17
N PRO A 823 -4.37 23.29 -10.04
CA PRO A 823 -5.81 23.04 -9.85
C PRO A 823 -6.08 22.17 -8.61
N LEU A 824 -7.32 22.18 -8.15
CA LEU A 824 -7.70 21.46 -6.96
C LEU A 824 -7.18 20.00 -6.95
N GLN A 825 -7.36 19.30 -8.06
CA GLN A 825 -7.02 17.86 -8.11
C GLN A 825 -5.52 17.62 -7.97
N ALA A 826 -4.69 18.64 -8.26
CA ALA A 826 -3.24 18.49 -8.13
C ALA A 826 -2.85 18.57 -6.68
N ASN A 827 -3.71 19.16 -5.84
CA ASN A 827 -3.42 19.28 -4.42
C ASN A 827 -3.94 18.09 -3.59
N TYR A 828 -4.54 17.14 -4.29
CA TYR A 828 -4.85 15.85 -3.68
C TYR A 828 -3.64 14.94 -3.71
N TYR A 829 -3.44 14.23 -2.61
CA TYR A 829 -2.30 13.29 -2.43
C TYR A 829 -2.81 11.97 -1.90
N PRO A 830 -2.01 10.91 -2.07
CA PRO A 830 -2.43 9.67 -1.45
C PRO A 830 -2.44 9.83 0.06
N ILE A 831 -3.43 9.20 0.72
CA ILE A 831 -3.46 9.10 2.16
C ILE A 831 -3.45 7.63 2.50
N PRO A 832 -2.28 6.98 2.32
CA PRO A 832 -2.30 5.52 2.50
C PRO A 832 -2.53 5.12 3.93
N SER A 833 -2.17 5.95 4.91
CA SER A 833 -2.42 5.60 6.29
C SER A 833 -2.67 6.76 7.26
N GLY A 834 -2.34 7.99 6.84
CA GLY A 834 -2.63 9.12 7.74
C GLY A 834 -2.26 10.47 7.18
N MET A 835 -2.80 11.49 7.85
CA MET A 835 -2.54 12.86 7.43
C MET A 835 -2.70 13.76 8.62
N PHE A 836 -2.01 14.90 8.60
CA PHE A 836 -2.17 15.84 9.73
C PHE A 836 -1.92 17.26 9.30
N ILE A 837 -2.51 18.15 10.11
CA ILE A 837 -2.21 19.59 10.03
C ILE A 837 -1.82 20.03 11.43
N GLU A 838 -1.01 21.10 11.47
CA GLU A 838 -0.61 21.62 12.77
C GLU A 838 -0.22 23.10 12.66
N ASP A 839 -0.29 23.76 13.82
CA ASP A 839 0.35 25.09 13.95
C ASP A 839 1.33 24.99 15.10
N ALA A 840 1.70 26.14 15.66
CA ALA A 840 2.67 26.13 16.74
C ALA A 840 2.24 25.30 17.93
N ASN A 841 0.93 25.26 18.15
CA ASN A 841 0.37 24.71 19.37
C ASN A 841 -0.43 23.42 19.28
N THR A 842 -1.10 23.25 18.14
CA THR A 842 -2.14 22.22 18.02
C THR A 842 -1.91 21.42 16.73
N ARG A 843 -2.17 20.12 16.85
CA ARG A 843 -2.12 19.21 15.68
C ARG A 843 -3.42 18.40 15.65
N LEU A 844 -3.90 18.16 14.44
CA LEU A 844 -5.00 17.19 14.24
C LEU A 844 -4.51 16.15 13.24
N THR A 845 -4.51 14.91 13.70
CA THR A 845 -4.06 13.76 12.86
C THR A 845 -5.26 12.85 12.61
N LEU A 846 -5.46 12.50 11.35
CA LEU A 846 -6.48 11.53 10.95
C LEU A 846 -5.72 10.28 10.44
N LEU A 847 -5.86 9.17 11.16
CA LEU A 847 -5.24 7.90 10.76
C LEU A 847 -6.28 7.08 10.05
N THR A 848 -5.89 6.34 9.02
CA THR A 848 -6.85 5.58 8.23
C THR A 848 -6.59 4.07 8.25
N GLY A 849 -7.65 3.29 8.08
CA GLY A 849 -7.49 1.85 7.92
C GLY A 849 -7.52 1.41 6.47
N GLN A 850 -7.42 2.37 5.56
CA GLN A 850 -7.47 2.08 4.14
C GLN A 850 -6.90 3.26 3.38
N PRO A 851 -6.23 3.04 2.25
CA PRO A 851 -5.73 4.19 1.48
C PRO A 851 -6.86 4.88 0.73
N LEU A 852 -6.84 6.21 0.78
CA LEU A 852 -7.84 7.04 0.13
C LEU A 852 -7.14 8.32 -0.32
N GLY A 853 -7.78 9.13 -1.13
CA GLY A 853 -7.16 10.41 -1.54
C GLY A 853 -7.59 11.54 -0.64
N GLY A 854 -6.71 12.50 -0.45
CA GLY A 854 -7.10 13.62 0.41
C GLY A 854 -6.23 14.83 0.26
N SER A 855 -6.60 15.86 1.02
CA SER A 855 -5.90 17.13 0.91
C SER A 855 -6.20 17.99 2.10
N SER A 856 -5.59 19.17 2.08
CA SER A 856 -6.01 20.26 2.99
C SER A 856 -6.15 21.48 2.08
N LEU A 857 -7.39 21.81 1.70
CA LEU A 857 -7.61 22.80 0.63
C LEU A 857 -7.72 24.23 1.20
N ALA A 858 -7.69 24.33 2.49
CA ALA A 858 -7.70 25.65 3.20
C ALA A 858 -7.15 25.45 4.58
N SER A 859 -6.58 26.51 5.15
CA SER A 859 -5.96 26.48 6.43
C SER A 859 -6.96 25.90 7.43
N GLY A 860 -6.48 25.02 8.27
CA GLY A 860 -7.30 24.40 9.29
C GLY A 860 -8.14 23.22 8.81
N GLU A 861 -8.07 22.87 7.52
CA GLU A 861 -8.89 21.73 7.03
C GLU A 861 -8.10 20.46 6.78
N LEU A 862 -8.78 19.33 6.87
CA LEU A 862 -8.29 18.05 6.32
C LEU A 862 -9.47 17.51 5.56
N GLU A 863 -9.24 16.82 4.46
CA GLU A 863 -10.35 16.11 3.83
C GLU A 863 -9.87 14.85 3.20
N ILE A 864 -10.77 13.87 3.14
CA ILE A 864 -10.42 12.54 2.61
C ILE A 864 -11.61 11.98 1.84
N MET A 865 -11.38 11.53 0.60
CA MET A 865 -12.45 11.03 -0.24
C MET A 865 -12.88 9.64 0.23
N GLN A 866 -14.21 9.40 0.22
CA GLN A 866 -14.79 8.16 0.74
C GLN A 866 -15.09 7.17 -0.37
N ASP A 867 -15.71 7.66 -1.44
CA ASP A 867 -15.94 6.86 -2.64
C ASP A 867 -16.27 7.77 -3.79
N ARG A 868 -16.23 7.20 -4.99
CA ARG A 868 -16.48 7.97 -6.18
C ARG A 868 -17.18 7.05 -7.18
N ARG A 869 -18.23 7.58 -7.83
CA ARG A 869 -19.00 6.83 -8.81
C ARG A 869 -19.07 7.69 -10.03
N LEU A 870 -18.52 7.17 -11.12
CA LEU A 870 -18.27 7.97 -12.32
C LEU A 870 -18.78 7.25 -13.52
N ALA A 871 -19.63 7.96 -14.25
CA ALA A 871 -20.23 7.33 -15.38
C ALA A 871 -19.31 7.24 -16.62
N SER A 872 -18.33 8.14 -16.69
CA SER A 872 -17.53 8.22 -17.91
C SER A 872 -16.18 7.56 -17.78
N ASP A 873 -15.64 7.13 -18.92
CA ASP A 873 -14.26 6.70 -19.06
C ASP A 873 -13.38 7.95 -19.17
N ASP A 874 -12.14 7.87 -18.67
CA ASP A 874 -11.21 9.00 -18.66
C ASP A 874 -10.07 8.82 -19.66
N GLU A 875 -10.32 8.08 -20.73
CA GLU A 875 -9.45 8.07 -21.91
C GLU A 875 -8.05 7.59 -21.66
N ARG A 876 -7.90 6.67 -20.71
CA ARG A 876 -6.60 6.03 -20.49
C ARG A 876 -6.62 4.54 -20.84
N GLY A 877 -7.67 4.09 -21.51
CA GLY A 877 -7.73 2.73 -22.02
C GLY A 877 -8.55 1.74 -21.22
N LEU A 878 -9.06 2.19 -20.08
CA LEU A 878 -9.84 1.28 -19.26
C LEU A 878 -11.17 0.95 -19.94
N GLY A 879 -11.75 1.94 -20.64
CA GLY A 879 -12.96 1.69 -21.43
C GLY A 879 -14.20 1.48 -20.58
N GLN A 880 -14.20 2.08 -19.38
CA GLN A 880 -15.41 2.11 -18.56
C GLN A 880 -15.27 3.18 -17.51
N GLY A 881 -16.38 3.59 -16.94
CA GLY A 881 -16.37 4.39 -15.73
C GLY A 881 -16.18 3.52 -14.49
N VAL A 882 -16.61 4.07 -13.37
CA VAL A 882 -16.55 3.34 -12.11
C VAL A 882 -17.98 3.34 -11.60
N LEU A 883 -18.67 2.22 -11.83
CA LEU A 883 -20.12 2.10 -11.53
C LEU A 883 -20.40 0.84 -10.74
N ASP A 884 -19.37 0.20 -10.22
CA ASP A 884 -19.45 -1.05 -9.48
C ASP A 884 -19.24 -0.86 -7.99
N ASN A 885 -19.56 0.34 -7.49
CA ASN A 885 -19.46 0.61 -6.07
C ASN A 885 -20.23 -0.36 -5.24
N LYS A 886 -19.72 -0.63 -4.05
CA LYS A 886 -20.44 -1.45 -3.09
C LYS A 886 -20.15 -0.92 -1.69
N PRO A 887 -21.06 -1.17 -0.76
CA PRO A 887 -20.85 -0.67 0.59
C PRO A 887 -19.50 -1.06 1.16
N VAL A 888 -18.85 -0.09 1.78
CA VAL A 888 -17.56 -0.30 2.39
C VAL A 888 -17.55 0.36 3.75
N LEU A 889 -16.93 -0.29 4.73
CA LEU A 889 -16.76 0.30 6.06
C LEU A 889 -15.35 0.88 6.22
N HIS A 890 -15.25 2.17 6.06
CA HIS A 890 -13.96 2.88 6.27
C HIS A 890 -13.77 3.16 7.73
N ILE A 891 -12.54 3.02 8.21
CA ILE A 891 -12.25 3.21 9.61
C ILE A 891 -11.10 4.23 9.79
N TYR A 892 -11.15 4.96 10.89
CA TYR A 892 -10.18 6.01 11.19
C TYR A 892 -9.99 6.18 12.66
N ARG A 893 -8.90 6.85 13.04
CA ARG A 893 -8.78 7.40 14.39
C ARG A 893 -8.49 8.87 14.23
N LEU A 894 -9.06 9.68 15.15
CA LEU A 894 -8.94 11.14 15.08
C LEU A 894 -8.25 11.64 16.34
N VAL A 895 -7.02 12.14 16.17
CA VAL A 895 -6.17 12.51 17.30
C VAL A 895 -5.90 14.00 17.32
N LEU A 896 -6.52 14.69 18.29
CA LEU A 896 -6.25 16.12 18.50
C LEU A 896 -5.24 16.18 19.65
N GLU A 897 -4.14 16.93 19.43
CA GLU A 897 -3.07 16.99 20.45
C GLU A 897 -2.49 18.38 20.54
N LYS A 898 -1.99 18.70 21.72
CA LYS A 898 -1.11 19.84 21.90
C LYS A 898 0.31 19.46 21.50
N VAL A 899 0.92 20.27 20.66
CA VAL A 899 2.27 19.96 20.21
C VAL A 899 3.30 21.08 20.47
N ASN A 900 2.89 22.08 21.24
CA ASN A 900 3.81 23.18 21.53
C ASN A 900 5.08 22.74 22.27
N ASN A 901 5.01 21.65 23.02
CA ASN A 901 6.19 21.13 23.74
C ASN A 901 6.99 20.11 22.97
N CYS A 902 6.53 19.75 21.78
CA CYS A 902 7.22 18.71 20.99
C CYS A 902 8.44 19.25 20.27
N VAL A 903 9.50 18.46 20.25
CA VAL A 903 10.67 18.81 19.44
C VAL A 903 10.34 18.44 17.99
N ARG A 904 10.09 19.43 17.16
CA ARG A 904 9.74 19.19 15.77
C ARG A 904 10.88 19.54 14.85
N PRO A 905 10.83 19.04 13.61
CA PRO A 905 11.81 19.46 12.63
C PRO A 905 11.73 20.94 12.39
N SER A 906 12.81 21.54 11.87
CA SER A 906 12.79 22.95 11.53
C SER A 906 11.83 23.21 10.38
N LYS A 907 11.55 24.47 10.14
CA LYS A 907 10.61 24.86 9.10
C LYS A 907 11.07 24.40 7.72
N LEU A 908 12.37 24.16 7.54
CA LEU A 908 12.87 23.78 6.22
C LEU A 908 12.95 22.28 6.01
N HIS A 909 12.67 21.51 7.06
CA HIS A 909 12.77 20.05 6.95
C HIS A 909 11.57 19.50 6.13
N PRO A 910 11.82 18.61 5.17
CA PRO A 910 10.68 18.10 4.37
C PRO A 910 9.86 16.99 5.02
N ALA A 911 10.21 16.51 6.20
CA ALA A 911 9.44 15.40 6.85
C ALA A 911 8.67 15.93 8.01
N GLY A 912 7.71 15.10 8.45
CA GLY A 912 7.09 15.24 9.75
C GLY A 912 6.99 13.87 10.41
N TYR A 913 6.63 13.86 11.70
CA TYR A 913 6.65 12.62 12.49
C TYR A 913 5.43 12.62 13.37
N LEU A 914 4.90 11.43 13.57
CA LEU A 914 3.77 11.23 14.47
C LEU A 914 4.20 11.34 15.90
N THR A 915 3.22 11.60 16.77
CA THR A 915 3.40 11.40 18.20
C THR A 915 3.15 9.93 18.55
N SER A 916 3.53 9.47 19.74
N SER A 916 3.51 9.59 19.80
CA SER A 916 3.17 8.08 20.03
CA SER A 916 3.17 8.31 20.43
C SER A 916 1.63 7.87 20.01
C SER A 916 1.73 7.88 20.24
N ALA A 917 0.83 8.79 20.56
CA ALA A 917 -0.60 8.50 20.53
C ALA A 917 -1.08 8.27 19.11
N ALA A 918 -0.58 9.06 18.18
CA ALA A 918 -1.05 8.89 16.79
C ALA A 918 -0.51 7.61 16.18
N HIS A 919 0.73 7.28 16.46
CA HIS A 919 1.30 6.03 15.98
C HIS A 919 0.55 4.82 16.55
N LYS A 920 0.28 4.84 17.85
CA LYS A 920 -0.50 3.74 18.42
C LYS A 920 -1.88 3.68 17.80
N ALA A 921 -2.48 4.84 17.54
CA ALA A 921 -3.81 4.85 16.91
C ALA A 921 -3.73 4.21 15.52
N SER A 922 -2.69 4.54 14.75
CA SER A 922 -2.54 3.89 13.45
C SER A 922 -2.39 2.37 13.62
N GLN A 923 -1.59 1.92 14.57
CA GLN A 923 -1.44 0.47 14.81
C GLN A 923 -2.76 -0.17 15.19
N SER A 924 -3.64 0.55 15.91
CA SER A 924 -4.92 -0.02 16.30
C SER A 924 -5.81 -0.28 15.09
N LEU A 925 -5.61 0.50 14.02
CA LEU A 925 -6.39 0.33 12.80
C LEU A 925 -5.79 -0.75 11.91
N LEU A 926 -4.47 -0.74 11.77
CA LEU A 926 -3.84 -1.65 10.80
C LEU A 926 -3.57 -3.02 11.36
N ASP A 927 -3.19 -3.10 12.62
CA ASP A 927 -2.89 -4.38 13.24
C ASP A 927 -3.58 -4.56 14.58
N PRO A 928 -4.92 -4.67 14.53
CA PRO A 928 -5.69 -4.81 15.77
C PRO A 928 -5.44 -6.19 16.36
N LEU A 929 -5.92 -6.43 17.58
CA LEU A 929 -5.94 -7.80 18.07
C LEU A 929 -6.76 -8.68 17.16
N ASP A 930 -6.36 -9.93 16.99
CA ASP A 930 -7.17 -10.93 16.33
C ASP A 930 -7.99 -11.68 17.36
N LYS A 931 -9.19 -12.07 16.99
CA LYS A 931 -10.13 -12.70 17.92
C LYS A 931 -10.55 -14.04 17.37
N PHE A 932 -10.48 -15.06 18.24
CA PHE A 932 -10.81 -16.43 17.86
C PHE A 932 -11.87 -16.98 18.81
N ILE A 933 -12.88 -17.65 18.25
CA ILE A 933 -13.97 -18.21 19.07
C ILE A 933 -13.80 -19.72 18.96
N PHE A 934 -13.63 -20.41 20.09
CA PHE A 934 -13.48 -21.87 20.03
C PHE A 934 -14.76 -22.50 19.45
N ALA A 935 -14.60 -23.39 18.47
CA ALA A 935 -15.77 -23.88 17.75
C ALA A 935 -16.56 -24.96 18.50
N GLU A 936 -15.87 -25.89 19.13
CA GLU A 936 -16.56 -27.02 19.77
C GLU A 936 -17.03 -26.65 21.17
N ASN A 937 -17.69 -27.59 21.85
CA ASN A 937 -18.25 -27.28 23.14
C ASN A 937 -17.22 -27.17 24.24
N GLU A 938 -16.21 -28.03 24.18
CA GLU A 938 -15.21 -28.10 25.24
C GLU A 938 -13.80 -28.14 24.66
N TRP A 939 -12.91 -27.33 25.22
CA TRP A 939 -11.53 -27.32 24.78
C TRP A 939 -10.67 -28.00 25.84
N ILE A 940 -10.36 -29.27 25.62
CA ILE A 940 -9.60 -30.05 26.61
C ILE A 940 -8.11 -29.63 26.52
N GLY A 941 -7.49 -29.32 27.67
CA GLY A 941 -6.07 -28.97 27.68
C GLY A 941 -5.81 -27.50 27.37
N ALA A 942 -6.87 -26.68 27.36
CA ALA A 942 -6.73 -25.25 27.11
C ALA A 942 -5.78 -24.59 28.07
N GLN A 943 -4.98 -23.66 27.56
CA GLN A 943 -4.08 -22.84 28.35
C GLN A 943 -4.45 -21.37 28.25
N GLY A 944 -4.03 -20.60 29.24
CA GLY A 944 -4.49 -19.26 29.37
C GLY A 944 -3.72 -18.21 28.61
N GLN A 945 -2.49 -18.53 28.26
CA GLN A 945 -1.65 -17.48 27.69
C GLN A 945 -0.52 -18.10 26.90
N PHE A 946 -0.05 -17.36 25.91
CA PHE A 946 1.20 -17.69 25.19
C PHE A 946 1.96 -16.41 25.01
N GLY A 947 3.27 -16.44 25.24
CA GLY A 947 4.10 -15.30 24.99
C GLY A 947 4.32 -14.39 26.16
N GLY A 948 3.92 -14.81 27.39
CA GLY A 948 4.11 -13.96 28.55
C GLY A 948 5.58 -13.64 28.80
N ASP A 949 6.46 -14.49 28.29
CA ASP A 949 7.91 -14.28 28.43
C ASP A 949 8.56 -13.56 27.23
N HIS A 950 7.73 -13.10 26.28
CA HIS A 950 8.30 -12.39 25.12
C HIS A 950 8.67 -10.97 25.55
N PRO A 951 9.82 -10.45 25.10
CA PRO A 951 10.17 -9.07 25.46
C PRO A 951 9.17 -8.04 24.95
N SER A 952 8.88 -7.04 25.76
CA SER A 952 7.96 -5.99 25.36
C SER A 952 8.80 -4.82 24.87
N ALA A 953 8.91 -4.70 23.56
CA ALA A 953 9.85 -3.77 22.95
C ALA A 953 9.38 -2.34 23.01
N ARG A 954 10.32 -1.40 22.90
CA ARG A 954 10.00 0.03 22.84
C ARG A 954 8.92 0.32 21.79
N GLU A 955 8.09 1.33 22.06
CA GLU A 955 6.84 1.50 21.32
C GLU A 955 7.11 1.83 19.86
N ASP A 956 8.30 2.36 19.56
CA ASP A 956 8.58 2.75 18.16
C ASP A 956 9.09 1.59 17.35
N LEU A 957 9.26 0.43 17.96
CA LEU A 957 9.84 -0.72 17.23
C LEU A 957 8.71 -1.69 16.87
N ASP A 958 8.74 -2.24 15.64
CA ASP A 958 7.81 -3.28 15.28
C ASP A 958 8.53 -4.46 14.66
N VAL A 959 7.99 -5.65 14.89
CA VAL A 959 8.37 -6.84 14.14
C VAL A 959 7.37 -6.91 12.97
N SER A 960 7.71 -6.25 11.89
CA SER A 960 6.84 -6.12 10.73
C SER A 960 6.52 -7.49 10.14
N VAL A 961 7.55 -8.35 10.11
CA VAL A 961 7.44 -9.70 9.54
C VAL A 961 8.13 -10.69 10.46
N MET A 962 7.47 -11.79 10.73
CA MET A 962 8.11 -12.97 11.29
C MET A 962 7.68 -14.11 10.38
N ARG A 963 8.66 -14.80 9.80
CA ARG A 963 8.39 -15.82 8.79
C ARG A 963 9.37 -16.99 8.93
N ARG A 964 8.87 -18.21 9.19
CA ARG A 964 9.80 -19.34 9.15
C ARG A 964 10.13 -19.58 7.67
N LEU A 965 11.42 -19.72 7.41
CA LEU A 965 11.94 -19.81 6.05
C LEU A 965 12.23 -21.24 5.59
N THR A 966 12.13 -22.21 6.51
CA THR A 966 12.46 -23.60 6.23
C THR A 966 11.27 -24.49 6.51
N LYS A 967 11.13 -25.54 5.72
CA LYS A 967 10.14 -26.59 5.94
C LYS A 967 10.70 -27.58 6.98
N SER A 968 9.84 -28.48 7.44
CA SER A 968 10.16 -29.32 8.61
C SER A 968 11.30 -30.30 8.36
N SER A 969 11.56 -30.63 7.10
CA SER A 969 12.68 -31.53 6.73
C SER A 969 14.08 -30.95 6.94
N ALA A 970 14.20 -29.63 7.05
CA ALA A 970 15.51 -28.99 7.24
C ALA A 970 16.10 -29.22 8.61
N LYS A 971 17.31 -29.80 8.64
CA LYS A 971 18.01 -29.98 9.91
C LYS A 971 18.20 -28.67 10.66
N THR A 972 18.58 -27.62 9.93
CA THR A 972 18.77 -26.31 10.52
C THR A 972 17.54 -25.47 10.15
N GLN A 973 16.72 -25.18 11.14
CA GLN A 973 15.55 -24.29 10.94
C GLN A 973 16.01 -22.86 10.85
N ARG A 974 15.32 -22.09 10.02
CA ARG A 974 15.63 -20.67 9.90
C ARG A 974 14.36 -19.85 10.00
N VAL A 975 14.45 -18.75 10.76
CA VAL A 975 13.29 -17.85 10.92
C VAL A 975 13.76 -16.45 10.61
N GLY A 976 12.99 -15.79 9.75
CA GLY A 976 13.30 -14.43 9.33
C GLY A 976 12.41 -13.40 9.99
N TYR A 977 13.03 -12.28 10.31
CA TYR A 977 12.35 -11.16 10.94
C TYR A 977 12.68 -9.87 10.21
N VAL A 978 11.65 -9.07 9.93
CA VAL A 978 11.89 -7.70 9.47
C VAL A 978 11.52 -6.79 10.64
N LEU A 979 12.48 -5.98 11.07
CA LEU A 979 12.28 -5.05 12.17
C LEU A 979 12.26 -3.64 11.63
N HIS A 980 11.24 -2.90 12.01
CA HIS A 980 11.10 -1.52 11.57
C HIS A 980 11.02 -0.60 12.79
N ARG A 981 11.88 0.41 12.87
CA ARG A 981 11.75 1.44 13.91
C ARG A 981 11.26 2.71 13.28
N THR A 982 10.12 3.20 13.72
CA THR A 982 9.65 4.50 13.25
C THR A 982 10.32 5.59 14.07
N ASN A 983 9.93 6.83 13.86
CA ASN A 983 10.46 7.91 14.71
C ASN A 983 9.27 8.69 15.22
N LEU A 984 9.17 8.77 16.54
CA LEU A 984 8.08 9.48 17.19
C LEU A 984 8.59 10.76 17.81
N MET A 985 7.75 11.77 17.82
CA MET A 985 8.20 13.05 18.37
C MET A 985 8.42 13.00 19.85
N GLN A 986 9.48 13.68 20.30
CA GLN A 986 9.73 13.85 21.73
C GLN A 986 8.90 15.02 22.20
N CYS A 987 7.93 14.76 23.08
CA CYS A 987 7.07 15.83 23.58
C CYS A 987 7.05 15.92 25.10
N GLY A 988 8.07 15.36 25.75
CA GLY A 988 8.19 15.51 27.20
C GLY A 988 7.54 14.43 28.04
N THR A 989 7.13 13.34 27.40
CA THR A 989 6.66 12.18 28.15
C THR A 989 7.85 11.30 28.47
N PRO A 990 8.16 11.14 29.78
CA PRO A 990 9.34 10.36 30.16
C PRO A 990 9.30 8.99 29.49
N GLU A 991 10.46 8.55 29.00
CA GLU A 991 10.56 7.23 28.39
C GLU A 991 10.58 6.18 29.48
N GLU A 992 9.69 5.20 29.33
CA GLU A 992 9.60 4.14 30.30
C GLU A 992 10.60 3.02 29.98
N HIS A 993 11.03 2.36 31.04
CA HIS A 993 11.65 1.03 31.00
C HIS A 993 10.94 0.14 29.98
N THR A 994 11.67 -0.29 28.95
CA THR A 994 11.20 -1.37 28.07
C THR A 994 12.32 -2.40 27.90
N GLN A 995 11.97 -3.57 27.37
N GLN A 995 11.95 -3.61 27.47
CA GLN A 995 12.92 -4.66 27.23
CA GLN A 995 12.95 -4.67 27.28
C GLN A 995 13.54 -4.72 25.83
C GLN A 995 13.57 -4.59 25.91
N LYS A 996 14.85 -4.90 25.79
N LYS A 996 14.84 -4.96 25.83
CA LYS A 996 15.57 -5.15 24.55
CA LYS A 996 15.49 -5.11 24.55
C LYS A 996 14.93 -6.32 23.81
C LYS A 996 14.89 -6.30 23.82
N LEU A 997 14.59 -6.10 22.55
CA LEU A 997 14.06 -7.18 21.74
C LEU A 997 15.23 -7.71 20.92
N ASP A 998 15.60 -8.96 21.18
CA ASP A 998 16.54 -9.66 20.35
C ASP A 998 15.77 -10.75 19.63
N VAL A 999 15.42 -10.47 18.38
CA VAL A 999 14.64 -11.48 17.66
C VAL A 999 15.37 -12.81 17.47
N CYS A 1000 16.69 -12.78 17.51
CA CYS A 1000 17.42 -14.03 17.29
C CYS A 1000 17.27 -15.03 18.42
N HIS A 1001 16.82 -14.57 19.60
CA HIS A 1001 16.57 -15.46 20.73
C HIS A 1001 15.09 -15.72 21.01
N LEU A 1002 14.20 -15.30 20.11
CA LEU A 1002 12.77 -15.58 20.31
C LEU A 1002 12.45 -17.07 20.21
N LEU A 1003 13.19 -17.80 19.40
N LEU A 1003 13.18 -17.80 19.37
CA LEU A 1003 13.05 -19.24 19.33
CA LEU A 1003 13.04 -19.25 19.28
C LEU A 1003 14.26 -19.90 19.97
C LEU A 1003 14.24 -19.87 20.00
N PRO A 1004 14.03 -21.02 20.65
CA PRO A 1004 15.15 -21.63 21.40
C PRO A 1004 16.21 -22.27 20.50
N ASN A 1005 17.35 -22.57 21.13
CA ASN A 1005 18.43 -23.31 20.47
C ASN A 1005 18.99 -22.56 19.26
N VAL A 1006 19.15 -21.25 19.39
CA VAL A 1006 19.73 -20.48 18.30
C VAL A 1006 21.20 -20.92 18.13
N ALA A 1007 21.60 -21.13 16.88
CA ALA A 1007 22.96 -21.57 16.51
C ALA A 1007 23.67 -20.51 15.68
N ARG A 1008 22.91 -19.56 15.13
CA ARG A 1008 23.49 -18.50 14.29
C ARG A 1008 22.46 -17.39 14.15
N CYS A 1009 22.93 -16.16 14.00
CA CYS A 1009 22.04 -14.99 13.76
C CYS A 1009 22.73 -14.17 12.70
N GLU A 1010 22.00 -13.81 11.63
CA GLU A 1010 22.58 -13.09 10.53
CA GLU A 1010 22.57 -13.08 10.52
C GLU A 1010 21.71 -11.89 10.18
N ARG A 1011 22.35 -10.78 9.88
CA ARG A 1011 21.61 -9.68 9.27
C ARG A 1011 21.54 -9.96 7.79
N THR A 1012 20.37 -9.78 7.18
CA THR A 1012 20.16 -10.10 5.76
C THR A 1012 19.55 -8.89 5.04
N THR A 1013 19.53 -8.97 3.72
CA THR A 1013 18.68 -8.08 2.97
C THR A 1013 17.22 -8.29 3.39
N LEU A 1014 16.35 -7.33 3.03
CA LEU A 1014 14.96 -7.38 3.54
C LEU A 1014 14.14 -8.51 2.97
N THR A 1015 14.59 -9.09 1.85
CA THR A 1015 13.99 -10.23 1.22
C THR A 1015 14.51 -11.55 1.79
N PHE A 1016 15.46 -11.46 2.73
CA PHE A 1016 16.11 -12.63 3.37
C PHE A 1016 17.04 -13.37 2.44
N LEU A 1017 17.31 -12.85 1.26
CA LEU A 1017 18.00 -13.66 0.25
C LEU A 1017 19.50 -13.56 0.29
N GLN A 1018 20.07 -12.57 0.99
CA GLN A 1018 21.53 -12.46 1.09
C GLN A 1018 21.94 -12.16 2.51
N ASN A 1019 22.95 -12.89 3.01
CA ASN A 1019 23.49 -12.65 4.34
C ASN A 1019 24.46 -11.48 4.29
N LEU A 1020 24.26 -10.50 5.13
CA LEU A 1020 25.06 -9.27 5.11
C LEU A 1020 26.05 -9.23 6.28
N GLU A 1021 25.70 -9.85 7.40
CA GLU A 1021 26.55 -9.81 8.61
C GLU A 1021 26.28 -11.01 9.50
N HIS A 1022 27.34 -11.64 9.98
CA HIS A 1022 27.24 -12.72 10.94
C HIS A 1022 27.32 -12.08 12.31
N LEU A 1023 26.33 -12.31 13.16
CA LEU A 1023 26.17 -11.49 14.34
C LEU A 1023 26.78 -12.13 15.56
N ASP A 1024 27.62 -11.34 16.23
CA ASP A 1024 28.29 -11.76 17.45
C ASP A 1024 27.32 -12.03 18.57
N GLY A 1025 27.55 -13.16 19.24
CA GLY A 1025 26.71 -13.59 20.35
C GLY A 1025 25.32 -13.99 19.91
N MET A 1026 25.12 -14.07 18.58
CA MET A 1026 23.81 -14.39 18.00
C MET A 1026 22.73 -13.42 18.47
N VAL A 1027 23.10 -12.15 18.61
CA VAL A 1027 22.20 -11.12 19.11
C VAL A 1027 21.92 -10.14 17.99
N ALA A 1028 20.65 -9.98 17.66
CA ALA A 1028 20.24 -9.07 16.59
C ALA A 1028 20.05 -7.73 17.22
N PRO A 1029 20.89 -6.75 16.85
CA PRO A 1029 20.79 -5.38 17.37
C PRO A 1029 19.48 -4.71 16.92
N GLU A 1030 18.89 -3.92 17.79
CA GLU A 1030 17.78 -3.07 17.37
C GLU A 1030 18.25 -2.02 16.36
N VAL A 1031 17.29 -1.53 15.59
CA VAL A 1031 17.60 -0.61 14.52
C VAL A 1031 17.39 0.84 14.94
N CYS A 1032 17.95 1.73 14.15
CA CYS A 1032 17.82 3.16 14.37
C CYS A 1032 16.46 3.69 13.94
N PRO A 1033 16.06 4.86 14.41
CA PRO A 1033 14.82 5.50 13.96
C PRO A 1033 14.81 5.64 12.43
N MET A 1034 13.67 5.28 11.86
CA MET A 1034 13.41 5.26 10.43
C MET A 1034 14.11 4.16 9.66
N GLU A 1035 14.78 3.26 10.34
CA GLU A 1035 15.49 2.16 9.67
C GLU A 1035 14.67 0.90 9.77
N THR A 1036 14.91 0.02 8.80
CA THR A 1036 14.31 -1.31 8.70
C THR A 1036 15.45 -2.26 8.44
N ALA A 1037 15.50 -3.35 9.21
CA ALA A 1037 16.52 -4.35 9.08
C ALA A 1037 15.89 -5.70 9.10
N ALA A 1038 16.58 -6.68 8.55
CA ALA A 1038 16.10 -8.05 8.55
C ALA A 1038 17.15 -8.94 9.18
N TYR A 1039 16.67 -9.92 9.93
CA TYR A 1039 17.57 -10.88 10.57
C TYR A 1039 17.02 -12.25 10.36
N VAL A 1040 17.92 -13.24 10.23
CA VAL A 1040 17.52 -14.64 10.16
C VAL A 1040 18.22 -15.36 11.30
N SER A 1041 17.46 -16.05 12.14
CA SER A 1041 18.03 -16.91 13.18
C SER A 1041 17.98 -18.33 12.69
N SER A 1042 19.04 -19.09 13.02
CA SER A 1042 19.16 -20.49 12.64
C SER A 1042 19.14 -21.31 13.94
N HIS A 1043 18.45 -22.44 13.90
CA HIS A 1043 18.19 -23.23 15.11
C HIS A 1043 18.45 -24.69 14.82
N SER A 1044 19.15 -25.33 15.75
CA SER A 1044 19.34 -26.78 15.65
C SER A 1044 18.01 -27.50 15.94
N SER A 1045 17.58 -28.40 15.05
CA SER A 1045 16.27 -29.09 15.18
C SER A 1045 16.32 -30.61 14.96
C1 NAG B . 24.46 -19.71 -9.90
C2 NAG B . 25.26 -21.01 -9.64
C3 NAG B . 26.68 -20.81 -9.09
C4 NAG B . 27.20 -19.39 -9.29
C5 NAG B . 26.15 -18.44 -8.71
C6 NAG B . 26.61 -17.01 -8.51
C7 NAG B . 23.57 -22.55 -8.62
C8 NAG B . 23.16 -23.05 -10.00
N2 NAG B . 24.53 -21.63 -8.53
O3 NAG B . 27.53 -21.73 -9.77
O4 NAG B . 28.47 -19.22 -8.65
O5 NAG B . 25.06 -18.43 -9.64
O6 NAG B . 25.68 -16.38 -7.61
O7 NAG B . 23.02 -22.99 -7.62
ZN ZN C . 0.60 -1.32 -16.65
C1 MRD D . -0.27 14.33 -25.29
C2 MRD D . 1.00 15.08 -25.71
O2 MRD D . 0.66 16.43 -25.99
CM MRD D . 1.92 15.11 -24.49
C3 MRD D . 1.65 14.57 -26.99
C4 MRD D . 2.17 13.13 -27.03
O4 MRD D . 3.32 13.08 -27.91
C5 MRD D . 1.10 12.13 -27.53
C7 GOO E . -2.49 3.94 -17.58
O6 GOO E . -2.21 2.96 -18.59
C1 GOO E . -1.78 1.70 -18.02
C2 GOO E . -2.97 0.90 -17.45
O2 GOO E . -3.40 1.34 -16.16
C3 GOO E . -2.36 -0.51 -17.40
O3 GOO E . -1.45 -0.65 -16.28
C4 GOO E . -1.60 -0.61 -18.73
O4 GOO E . -0.33 -1.26 -18.59
C5 GOO E . -1.45 0.85 -19.22
N5 GOO E . -0.04 1.02 -19.66
#